data_4CXU
#
_entry.id   4CXU
#
_cell.length_a   188.374
_cell.length_b   68.075
_cell.length_c   89.550
_cell.angle_alpha   90.00
_cell.angle_beta   93.73
_cell.angle_gamma   90.00
#
_symmetry.space_group_name_H-M   'C 1 2 1'
#
loop_
_entity.id
_entity.type
_entity.pdbx_description
1 polymer ARYLSULFATASE
2 non-polymer 'CALCIUM ION'
3 non-polymer '3-bromophenyl hydrogen (S)-phenylphosphonate'
4 water water
#
_entity_poly.entity_id   1
_entity_poly.type   'polypeptide(L)'
_entity_poly.pdbx_seq_one_letter_code
;MSKRPNFLVIVADDLGFSDIGTFGGEIATPNLDALAIAGLRLTDFHTASA(DDZ)SPTRSMLLTGTDHHIAGIGTMAEAL
TPELEGKPGYEGHLNERVVALPELLREAGYQTLMAGKWHLGLKPEQTPHARGFERSFALLPGAANHYGFEPPYDESTPRI
LKGTPALYVEDERYLDTLPEGFYSSDAFGDKLLQYLKERDQSRPFFAYLPFSAPHWPLQAPREIVEKYRGRYDAGPEALR
QERLARLKELGLVEADVEAHPVLALTREWEALEDEERAKSARAMEVYAAMVERMDWNIGRVVDYLRRQGELDNTFVLFMS
DNGAEGALLEAFPKFGPDLLDFLDRHYDNSLENIGRANSYVWYGPRWAQAATAPSRLYKAFTTQGGIRVPALVRYPRLSR
QGAISHAFATVMDVTPTLLDLAGVRHPGKRWRGREIAEPRGRSWLGWLSGETEAAHDENTVTGWGLFGMRAIRQGDWKAV
YLPAPVGPATWQLYDLARDPGEIHDLADSQPGKLAELIEHWKRYVSDTGVVEGASPFLVR
;
_entity_poly.pdbx_strand_id   A,B
#
loop_
_chem_comp.id
_chem_comp.type
_chem_comp.name
_chem_comp.formula
62Y non-polymer '3-bromophenyl hydrogen (S)-phenylphosphonate' 'C12 H10 Br O3 P'
CA non-polymer 'CALCIUM ION' 'Ca 2'
#
# COMPACT_ATOMS: atom_id res chain seq x y z
N LYS A 3 3.05 -4.78 -24.24
CA LYS A 3 2.58 -5.20 -22.89
C LYS A 3 1.06 -5.00 -22.76
N ARG A 4 0.28 -6.06 -23.00
CA ARG A 4 -1.15 -6.11 -22.63
C ARG A 4 -1.35 -6.49 -21.16
N PRO A 5 -2.27 -5.81 -20.43
CA PRO A 5 -2.47 -6.14 -19.00
C PRO A 5 -3.05 -7.50 -18.68
N ASN A 6 -2.65 -7.99 -17.51
CA ASN A 6 -3.34 -9.10 -16.86
C ASN A 6 -4.60 -8.55 -16.19
N PHE A 7 -5.49 -9.42 -15.76
CA PHE A 7 -6.73 -9.05 -15.11
C PHE A 7 -6.90 -9.93 -13.91
N LEU A 8 -7.31 -9.31 -12.80
CA LEU A 8 -7.65 -10.05 -11.58
C LEU A 8 -9.00 -9.53 -11.12
N VAL A 9 -9.99 -10.38 -11.21
CA VAL A 9 -11.34 -10.04 -10.84
C VAL A 9 -11.66 -10.90 -9.64
N ILE A 10 -11.85 -10.21 -8.50
CA ILE A 10 -12.22 -10.80 -7.22
C ILE A 10 -13.66 -10.41 -6.84
N VAL A 11 -14.42 -11.43 -6.41
CA VAL A 11 -15.86 -11.31 -6.08
C VAL A 11 -16.09 -11.99 -4.70
N ALA A 12 -16.50 -11.14 -3.76
CA ALA A 12 -17.03 -11.54 -2.45
C ALA A 12 -18.53 -11.86 -2.59
N ASP A 13 -19.01 -12.76 -1.75
CA ASP A 13 -20.33 -13.30 -1.85
C ASP A 13 -21.16 -12.81 -0.67
N ASP A 14 -22.05 -11.86 -0.91
CA ASP A 14 -22.94 -11.28 0.13
C ASP A 14 -22.19 -10.34 1.13
N LEU A 15 -21.00 -9.85 0.79
CA LEU A 15 -20.31 -8.96 1.66
C LEU A 15 -21.06 -7.60 1.52
N GLY A 16 -21.20 -6.85 2.62
CA GLY A 16 -21.93 -5.57 2.66
C GLY A 16 -21.10 -4.34 2.27
N PHE A 17 -21.78 -3.31 1.86
CA PHE A 17 -21.17 -2.06 1.39
C PHE A 17 -20.09 -1.44 2.34
N SER A 18 -20.38 -1.33 3.66
CA SER A 18 -19.40 -0.73 4.69
C SER A 18 -18.60 -1.73 5.55
N ASP A 19 -18.50 -2.99 5.12
CA ASP A 19 -17.83 -3.97 5.94
C ASP A 19 -16.31 -3.77 5.99
N ILE A 20 -15.68 -3.50 4.84
CA ILE A 20 -14.24 -3.37 4.85
C ILE A 20 -13.75 -1.99 5.33
N GLY A 21 -12.55 -1.95 5.87
CA GLY A 21 -11.98 -0.74 6.48
C GLY A 21 -12.12 0.52 5.67
N THR A 22 -11.68 0.48 4.42
CA THR A 22 -11.69 1.66 3.55
C THR A 22 -13.10 2.03 3.03
N PHE A 23 -14.12 1.23 3.38
CA PHE A 23 -15.50 1.56 3.05
C PHE A 23 -16.28 1.84 4.36
N GLY A 24 -15.58 2.07 5.49
CA GLY A 24 -16.24 2.48 6.70
C GLY A 24 -16.24 1.44 7.82
N GLY A 25 -15.55 0.33 7.61
CA GLY A 25 -15.73 -0.83 8.46
C GLY A 25 -14.66 -1.01 9.51
N GLU A 26 -15.03 -1.77 10.55
CA GLU A 26 -14.14 -2.15 11.67
C GLU A 26 -13.48 -3.52 11.48
N ILE A 27 -13.87 -4.24 10.43
CA ILE A 27 -13.27 -5.56 10.12
C ILE A 27 -11.84 -5.43 9.54
N ALA A 28 -10.91 -6.30 9.95
CA ALA A 28 -9.52 -6.13 9.51
C ALA A 28 -9.40 -6.58 8.07
N THR A 29 -9.15 -5.65 7.16
CA THR A 29 -8.99 -5.96 5.72
C THR A 29 -7.75 -5.20 5.17
N PRO A 30 -6.56 -5.46 5.77
CA PRO A 30 -5.38 -4.68 5.31
C PRO A 30 -5.04 -4.79 3.78
N ASN A 31 -5.25 -5.97 3.19
CA ASN A 31 -4.84 -6.14 1.76
C ASN A 31 -5.75 -5.45 0.79
N LEU A 32 -7.06 -5.52 1.04
CA LEU A 32 -7.98 -4.79 0.18
C LEU A 32 -7.84 -3.29 0.42
N ASP A 33 -7.53 -2.90 1.65
CA ASP A 33 -7.41 -1.47 1.92
C ASP A 33 -6.28 -0.83 1.17
N ALA A 34 -5.18 -1.56 0.99
CA ALA A 34 -3.99 -1.01 0.28
C ALA A 34 -4.32 -0.75 -1.19
N LEU A 35 -5.07 -1.69 -1.76
CA LEU A 35 -5.53 -1.64 -3.14
C LEU A 35 -6.54 -0.51 -3.30
N ALA A 36 -7.45 -0.37 -2.35
CA ALA A 36 -8.49 0.63 -2.48
C ALA A 36 -7.97 2.04 -2.33
N ILE A 37 -7.13 2.32 -1.33
CA ILE A 37 -6.63 3.72 -1.16
C ILE A 37 -5.78 4.19 -2.33
N ALA A 38 -4.98 3.28 -2.90
CA ALA A 38 -4.19 3.63 -4.10
C ALA A 38 -5.02 3.65 -5.35
N GLY A 39 -6.08 2.85 -5.37
CA GLY A 39 -6.97 2.78 -6.51
C GLY A 39 -8.15 3.74 -6.43
N LEU A 40 -9.27 3.37 -7.07
CA LEU A 40 -10.43 4.22 -7.10
C LEU A 40 -11.53 3.46 -6.47
N ARG A 41 -12.13 4.02 -5.44
CA ARG A 41 -13.32 3.39 -4.84
C ARG A 41 -14.64 3.92 -5.41
N LEU A 42 -15.60 3.01 -5.64
CA LEU A 42 -16.91 3.35 -6.27
C LEU A 42 -18.07 3.29 -5.29
N THR A 43 -18.84 4.37 -5.23
CA THR A 43 -20.03 4.46 -4.35
C THR A 43 -21.36 4.30 -5.08
N ASP A 44 -21.35 4.12 -6.41
CA ASP A 44 -22.60 4.09 -7.16
C ASP A 44 -22.48 2.99 -8.22
N PHE A 45 -21.83 1.88 -7.83
CA PHE A 45 -21.66 0.70 -8.63
C PHE A 45 -22.70 -0.34 -8.27
N HIS A 46 -23.21 -1.02 -9.32
CA HIS A 46 -24.39 -1.90 -9.17
C HIS A 46 -24.30 -3.28 -9.81
N THR A 47 -24.98 -4.22 -9.15
CA THR A 47 -25.05 -5.57 -9.55
C THR A 47 -26.51 -5.80 -9.72
N ALA A 48 -26.89 -7.06 -9.89
CA ALA A 48 -28.26 -7.57 -9.60
C ALA A 48 -28.48 -7.82 -8.07
N SER A 49 -29.72 -8.09 -7.74
CA SER A 49 -30.15 -8.24 -6.33
C SER A 49 -29.79 -9.60 -5.78
N ALA A 50 -29.23 -10.48 -6.62
CA ALA A 50 -28.79 -11.78 -6.14
C ALA A 50 -27.66 -12.37 -6.97
N DDZ A 51 -27.11 -13.46 -6.43
CA DDZ A 51 -25.79 -14.08 -6.83
C DDZ A 51 -25.62 -14.56 -8.26
O DDZ A 51 -24.77 -14.05 -8.95
OG1 DDZ A 51 -25.55 -15.10 -4.49
OG2 DDZ A 51 -24.30 -16.00 -6.37
CB DDZ A 51 -25.50 -15.33 -5.93
N SER A 52 -26.34 -15.60 -8.69
CA SER A 52 -26.24 -16.11 -10.06
C SER A 52 -26.60 -15.10 -11.15
N PRO A 53 -27.72 -14.37 -11.00
CA PRO A 53 -27.90 -13.25 -11.95
C PRO A 53 -26.73 -12.27 -12.09
N THR A 54 -26.18 -11.81 -10.96
CA THR A 54 -25.01 -10.92 -11.03
C THR A 54 -23.80 -11.54 -11.79
N ARG A 55 -23.52 -12.78 -11.52
CA ARG A 55 -22.42 -13.50 -12.20
C ARG A 55 -22.60 -13.67 -13.67
N SER A 56 -23.83 -14.01 -14.06
CA SER A 56 -24.20 -14.11 -15.50
C SER A 56 -23.90 -12.80 -16.23
N MET A 57 -24.13 -11.71 -15.51
CA MET A 57 -23.94 -10.36 -16.06
C MET A 57 -22.45 -9.96 -16.11
N LEU A 58 -21.72 -10.30 -15.05
CA LEU A 58 -20.31 -9.97 -14.97
C LEU A 58 -19.56 -10.56 -16.18
N LEU A 59 -19.83 -11.83 -16.48
CA LEU A 59 -19.07 -12.57 -17.48
C LEU A 59 -19.60 -12.49 -18.93
N THR A 60 -20.63 -11.67 -19.20
CA THR A 60 -21.19 -11.48 -20.56
C THR A 60 -21.31 -10.02 -20.98
N GLY A 61 -21.51 -9.09 -20.03
CA GLY A 61 -21.75 -7.71 -20.40
C GLY A 61 -23.20 -7.33 -20.70
N THR A 62 -24.14 -8.25 -20.48
CA THR A 62 -25.54 -7.94 -20.67
C THR A 62 -26.35 -8.45 -19.49
N ASP A 63 -27.66 -8.20 -19.57
CA ASP A 63 -28.65 -8.48 -18.52
C ASP A 63 -28.91 -9.97 -18.28
N HIS A 64 -29.04 -10.39 -17.02
CA HIS A 64 -29.20 -11.82 -16.68
C HIS A 64 -30.43 -12.52 -17.34
N HIS A 65 -31.48 -11.78 -17.65
CA HIS A 65 -32.64 -12.35 -18.33
C HIS A 65 -32.25 -12.81 -19.77
N ILE A 66 -31.46 -12.02 -20.48
CA ILE A 66 -30.84 -12.48 -21.73
C ILE A 66 -29.90 -13.71 -21.55
N ALA A 67 -29.08 -13.68 -20.50
CA ALA A 67 -27.97 -14.62 -20.34
C ALA A 67 -28.32 -16.02 -19.88
N GLY A 68 -29.58 -16.26 -19.52
CA GLY A 68 -29.96 -17.60 -19.05
C GLY A 68 -30.36 -17.73 -17.58
N ILE A 69 -30.17 -16.66 -16.78
CA ILE A 69 -30.50 -16.69 -15.35
C ILE A 69 -31.63 -15.69 -15.10
N GLY A 70 -32.71 -15.83 -15.84
CA GLY A 70 -33.89 -14.96 -15.69
C GLY A 70 -34.47 -15.04 -14.29
N THR A 71 -34.43 -16.23 -13.70
CA THR A 71 -34.48 -16.34 -12.25
C THR A 71 -33.41 -17.33 -11.82
N MET A 72 -33.20 -17.45 -10.51
CA MET A 72 -32.30 -18.48 -9.97
C MET A 72 -32.75 -19.89 -10.39
N ALA A 73 -31.80 -20.76 -10.77
CA ALA A 73 -32.12 -22.17 -11.14
C ALA A 73 -33.07 -22.78 -10.12
N GLU A 74 -32.71 -22.54 -8.85
CA GLU A 74 -33.32 -23.15 -7.70
C GLU A 74 -34.79 -22.73 -7.48
N ALA A 75 -35.23 -21.74 -8.26
CA ALA A 75 -36.57 -21.19 -8.21
C ALA A 75 -37.22 -21.11 -9.61
N LEU A 76 -37.04 -22.14 -10.45
CA LEU A 76 -37.58 -22.16 -11.83
C LEU A 76 -38.98 -22.79 -11.96
N GLY A 85 -34.60 -16.70 -22.10
CA GLY A 85 -33.40 -17.17 -21.40
C GLY A 85 -33.58 -17.45 -19.90
N TYR A 86 -34.47 -18.39 -19.58
CA TYR A 86 -34.67 -18.87 -18.22
C TYR A 86 -34.19 -20.33 -18.10
N GLU A 87 -33.07 -20.68 -18.75
CA GLU A 87 -32.50 -22.05 -18.67
C GLU A 87 -31.97 -22.50 -17.28
N GLY A 88 -31.54 -21.56 -16.43
CA GLY A 88 -30.95 -21.91 -15.10
C GLY A 88 -29.44 -22.05 -15.09
N HIS A 89 -28.82 -21.81 -16.25
CA HIS A 89 -27.37 -21.76 -16.43
C HIS A 89 -27.02 -20.71 -17.50
N LEU A 90 -25.74 -20.40 -17.65
CA LEU A 90 -25.29 -19.53 -18.73
C LEU A 90 -25.63 -20.27 -20.06
N ASN A 91 -26.33 -19.59 -20.96
CA ASN A 91 -26.92 -20.25 -22.10
C ASN A 91 -26.07 -20.00 -23.37
N GLU A 92 -26.51 -20.50 -24.52
CA GLU A 92 -25.70 -20.34 -25.76
C GLU A 92 -26.08 -19.12 -26.56
N ARG A 93 -26.98 -18.30 -26.00
CA ARG A 93 -27.31 -16.99 -26.58
C ARG A 93 -26.31 -15.89 -26.19
N VAL A 94 -25.29 -16.26 -25.42
CA VAL A 94 -24.22 -15.34 -24.99
C VAL A 94 -22.83 -16.01 -25.11
N VAL A 95 -21.85 -15.20 -25.37
CA VAL A 95 -20.49 -15.60 -25.22
C VAL A 95 -19.89 -14.96 -23.95
N ALA A 96 -19.05 -15.74 -23.27
CA ALA A 96 -18.46 -15.34 -21.99
C ALA A 96 -17.03 -14.75 -22.12
N LEU A 97 -16.77 -13.66 -21.42
CA LEU A 97 -15.43 -13.01 -21.33
C LEU A 97 -14.22 -13.94 -21.39
N PRO A 98 -14.14 -14.96 -20.50
CA PRO A 98 -12.98 -15.84 -20.63
C PRO A 98 -12.83 -16.58 -22.02
N GLU A 99 -13.96 -16.97 -22.63
CA GLU A 99 -13.98 -17.54 -23.99
C GLU A 99 -13.36 -16.55 -24.95
N LEU A 100 -13.77 -15.30 -24.89
CA LEU A 100 -13.17 -14.29 -25.74
C LEU A 100 -11.63 -14.07 -25.54
N LEU A 101 -11.21 -13.91 -24.28
CA LEU A 101 -9.79 -13.75 -23.96
C LEU A 101 -8.95 -14.99 -24.31
N ARG A 102 -9.44 -16.18 -24.00
CA ARG A 102 -8.66 -17.38 -24.30
C ARG A 102 -8.31 -17.46 -25.82
N GLU A 103 -9.20 -16.99 -26.69
CA GLU A 103 -8.94 -17.07 -28.12
C GLU A 103 -7.94 -15.98 -28.60
N ALA A 104 -7.75 -14.96 -27.75
CA ALA A 104 -6.80 -13.86 -27.97
C ALA A 104 -5.52 -14.02 -27.19
N GLY A 105 -5.22 -15.24 -26.74
CA GLY A 105 -3.90 -15.52 -26.13
C GLY A 105 -3.77 -15.49 -24.60
N TYR A 106 -4.84 -15.07 -23.90
CA TYR A 106 -4.87 -15.05 -22.43
C TYR A 106 -5.00 -16.42 -21.91
N GLN A 107 -4.28 -16.72 -20.82
CA GLN A 107 -4.49 -17.95 -20.03
C GLN A 107 -5.64 -17.61 -19.07
N THR A 108 -6.63 -18.48 -18.96
CA THR A 108 -7.85 -18.19 -18.20
C THR A 108 -7.88 -19.09 -16.96
N LEU A 109 -7.92 -18.49 -15.76
CA LEU A 109 -7.68 -19.20 -14.50
C LEU A 109 -8.79 -18.79 -13.50
N MET A 110 -9.36 -19.77 -12.78
CA MET A 110 -10.39 -19.50 -11.75
C MET A 110 -10.27 -20.48 -10.61
N ALA A 111 -10.48 -19.98 -9.40
CA ALA A 111 -10.76 -20.81 -8.27
C ALA A 111 -11.85 -20.04 -7.48
N GLY A 112 -12.93 -20.72 -7.14
CA GLY A 112 -14.06 -20.10 -6.45
C GLY A 112 -15.41 -20.71 -6.74
N LYS A 113 -16.42 -19.99 -6.31
CA LYS A 113 -17.81 -20.34 -6.56
C LYS A 113 -18.14 -20.00 -7.98
N TRP A 114 -18.85 -20.90 -8.64
CA TRP A 114 -19.31 -20.72 -10.01
C TRP A 114 -20.74 -20.18 -10.09
N HIS A 115 -21.66 -21.02 -9.65
CA HIS A 115 -23.08 -20.76 -9.62
C HIS A 115 -23.71 -20.49 -10.98
N LEU A 116 -23.16 -21.10 -12.04
CA LEU A 116 -23.70 -20.85 -13.39
C LEU A 116 -23.95 -22.16 -14.15
N GLY A 117 -24.10 -23.25 -13.41
CA GLY A 117 -24.40 -24.55 -13.98
C GLY A 117 -23.66 -25.68 -13.30
N LEU A 118 -24.31 -26.83 -13.28
CA LEU A 118 -23.84 -27.97 -12.53
C LEU A 118 -23.34 -29.08 -13.49
N LYS A 119 -23.80 -29.08 -14.75
CA LYS A 119 -23.47 -30.18 -15.67
C LYS A 119 -22.19 -29.87 -16.48
N PRO A 120 -21.52 -30.93 -16.98
CA PRO A 120 -20.23 -30.86 -17.73
C PRO A 120 -20.20 -29.77 -18.76
N GLU A 121 -21.25 -29.70 -19.57
CA GLU A 121 -21.30 -28.75 -20.64
C GLU A 121 -21.52 -27.31 -20.12
N GLN A 122 -21.62 -27.15 -18.80
CA GLN A 122 -21.93 -25.84 -18.21
C GLN A 122 -20.86 -25.32 -17.22
N THR A 123 -19.88 -26.15 -16.87
CA THR A 123 -18.75 -25.83 -15.95
C THR A 123 -17.79 -24.74 -16.50
N PRO A 124 -16.88 -24.21 -15.66
CA PRO A 124 -15.92 -23.24 -16.16
C PRO A 124 -15.09 -23.78 -17.33
N HIS A 125 -14.72 -25.04 -17.21
CA HIS A 125 -13.93 -25.77 -18.22
C HIS A 125 -14.62 -25.91 -19.54
N ALA A 126 -15.95 -25.89 -19.55
CA ALA A 126 -16.72 -25.82 -20.77
C ALA A 126 -16.91 -24.40 -21.25
N ARG A 127 -16.83 -23.41 -20.35
CA ARG A 127 -17.15 -22.04 -20.71
C ARG A 127 -15.91 -21.09 -20.69
N GLY A 128 -14.74 -21.63 -21.00
CA GLY A 128 -13.58 -20.78 -21.34
C GLY A 128 -12.37 -20.76 -20.43
N PHE A 129 -12.35 -21.60 -19.40
CA PHE A 129 -11.26 -21.59 -18.42
C PHE A 129 -10.35 -22.81 -18.58
N GLU A 130 -9.07 -22.56 -18.85
CA GLU A 130 -8.11 -23.67 -18.99
C GLU A 130 -7.81 -24.34 -17.69
N ARG A 131 -7.73 -23.60 -16.58
CA ARG A 131 -7.65 -24.22 -15.29
C ARG A 131 -8.76 -23.68 -14.33
N SER A 132 -9.40 -24.56 -13.59
CA SER A 132 -10.47 -24.12 -12.68
C SER A 132 -10.65 -25.09 -11.57
N PHE A 133 -10.85 -24.55 -10.35
CA PHE A 133 -11.19 -25.30 -9.15
C PHE A 133 -12.49 -24.59 -8.66
N ALA A 134 -13.62 -25.25 -8.76
CA ALA A 134 -14.90 -24.54 -8.49
C ALA A 134 -15.89 -25.35 -7.68
N LEU A 135 -16.57 -24.62 -6.79
CA LEU A 135 -17.81 -24.97 -6.20
C LEU A 135 -18.91 -24.69 -7.20
N LEU A 136 -19.68 -25.68 -7.61
CA LEU A 136 -20.69 -25.39 -8.66
C LEU A 136 -22.00 -24.80 -8.14
N PRO A 137 -22.54 -25.31 -7.02
CA PRO A 137 -23.82 -24.71 -6.55
C PRO A 137 -23.65 -23.31 -5.90
N GLY A 138 -24.78 -22.71 -5.48
CA GLY A 138 -24.85 -21.38 -4.87
C GLY A 138 -24.28 -21.23 -3.47
N ALA A 139 -24.17 -22.34 -2.77
CA ALA A 139 -23.55 -22.35 -1.48
C ALA A 139 -23.22 -23.78 -1.09
N ALA A 140 -22.38 -23.88 -0.08
CA ALA A 140 -22.04 -25.16 0.49
C ALA A 140 -21.36 -24.92 1.85
N ASN A 141 -21.22 -26.00 2.62
CA ASN A 141 -20.49 -26.00 3.90
C ASN A 141 -19.00 -25.71 3.61
N HIS A 142 -18.50 -24.66 4.27
CA HIS A 142 -17.15 -24.19 4.08
C HIS A 142 -16.06 -25.19 4.40
N TYR A 143 -16.38 -26.21 5.19
CA TYR A 143 -15.43 -27.21 5.58
C TYR A 143 -15.70 -28.57 4.89
N GLY A 144 -16.74 -28.65 4.05
CA GLY A 144 -17.15 -29.92 3.39
C GLY A 144 -17.88 -30.92 4.27
N PHE A 145 -18.38 -30.47 5.44
CA PHE A 145 -19.20 -31.33 6.35
C PHE A 145 -20.58 -31.37 5.79
N GLU A 146 -21.11 -32.57 5.61
CA GLU A 146 -22.33 -32.73 4.81
C GLU A 146 -23.32 -33.39 5.69
N PRO A 147 -24.60 -32.93 5.64
CA PRO A 147 -25.64 -33.62 6.36
C PRO A 147 -26.04 -34.87 5.56
N PRO A 148 -26.89 -35.72 6.15
CA PRO A 148 -27.44 -36.78 5.33
C PRO A 148 -28.39 -36.24 4.28
N TYR A 149 -28.31 -36.85 3.12
CA TYR A 149 -29.13 -36.46 2.00
C TYR A 149 -30.17 -37.52 1.70
N ASP A 150 -31.44 -37.18 1.88
CA ASP A 150 -32.52 -37.98 1.35
C ASP A 150 -33.74 -37.11 1.13
N GLU A 151 -34.80 -37.73 0.63
CA GLU A 151 -36.08 -37.08 0.39
C GLU A 151 -36.40 -36.09 1.49
N SER A 152 -36.13 -36.47 2.73
CA SER A 152 -36.58 -35.65 3.85
C SER A 152 -35.71 -34.41 4.25
N THR A 153 -34.45 -34.38 3.80
CA THR A 153 -33.48 -33.28 4.09
C THR A 153 -34.09 -31.93 3.59
N PRO A 154 -34.00 -30.84 4.38
CA PRO A 154 -34.49 -29.54 3.89
C PRO A 154 -34.02 -29.20 2.49
N ARG A 155 -34.93 -28.67 1.67
CA ARG A 155 -34.59 -28.34 0.27
C ARG A 155 -33.37 -27.41 0.12
N ILE A 156 -33.24 -26.43 0.99
CA ILE A 156 -32.08 -25.53 0.97
C ILE A 156 -30.70 -26.24 1.14
N LEU A 157 -30.68 -27.26 1.99
CA LEU A 157 -29.50 -28.11 2.14
C LEU A 157 -29.31 -29.06 0.94
N LYS A 158 -30.39 -29.59 0.37
CA LYS A 158 -30.28 -30.47 -0.79
C LYS A 158 -29.75 -29.71 -1.98
N GLY A 159 -30.10 -28.42 -2.07
CA GLY A 159 -29.56 -27.59 -3.13
C GLY A 159 -28.14 -27.05 -2.94
N THR A 160 -27.49 -27.35 -1.83
CA THR A 160 -26.16 -26.78 -1.57
C THR A 160 -25.13 -27.84 -1.17
N PRO A 161 -25.07 -28.95 -1.90
CA PRO A 161 -23.97 -29.88 -1.49
C PRO A 161 -22.62 -29.29 -1.86
N ALA A 162 -21.56 -29.77 -1.21
CA ALA A 162 -20.16 -29.41 -1.52
C ALA A 162 -19.68 -30.08 -2.81
N LEU A 163 -20.16 -29.60 -3.93
CA LEU A 163 -19.95 -30.23 -5.23
C LEU A 163 -18.95 -29.40 -5.92
N TYR A 164 -17.75 -29.95 -5.94
CA TYR A 164 -16.61 -29.30 -6.56
C TYR A 164 -16.15 -30.00 -7.84
N VAL A 165 -15.61 -29.21 -8.73
CA VAL A 165 -14.91 -29.75 -9.89
C VAL A 165 -13.49 -29.12 -10.02
N GLU A 166 -12.49 -29.90 -10.47
CA GLU A 166 -11.24 -29.33 -11.00
C GLU A 166 -11.11 -29.75 -12.45
N ASP A 167 -11.27 -28.77 -13.34
CA ASP A 167 -11.29 -28.91 -14.78
C ASP A 167 -12.48 -29.79 -15.16
N GLU A 168 -12.28 -31.02 -15.66
CA GLU A 168 -13.42 -31.91 -16.01
C GLU A 168 -13.64 -32.98 -14.98
N ARG A 169 -12.78 -33.03 -13.97
CA ARG A 169 -12.86 -34.07 -12.95
C ARG A 169 -13.70 -33.66 -11.72
N TYR A 170 -14.90 -34.21 -11.61
CA TYR A 170 -15.72 -34.06 -10.40
C TYR A 170 -15.01 -34.76 -9.25
N LEU A 171 -14.80 -34.06 -8.13
CA LEU A 171 -13.97 -34.57 -7.06
C LEU A 171 -14.80 -35.40 -6.13
N ASP A 172 -14.36 -36.60 -5.79
CA ASP A 172 -15.13 -37.41 -4.86
C ASP A 172 -14.66 -37.23 -3.42
N THR A 173 -13.53 -36.55 -3.25
CA THR A 173 -13.09 -36.18 -1.92
C THR A 173 -12.44 -34.80 -1.97
N LEU A 174 -12.42 -34.17 -0.79
CA LEU A 174 -11.71 -32.93 -0.51
C LEU A 174 -10.52 -33.28 0.37
N PRO A 175 -9.41 -32.56 0.21
CA PRO A 175 -8.22 -32.67 1.05
C PRO A 175 -8.48 -32.36 2.54
N GLU A 176 -7.65 -32.83 3.47
CA GLU A 176 -7.89 -32.55 4.92
C GLU A 176 -7.58 -31.08 5.09
N GLY A 177 -8.14 -30.47 6.14
CA GLY A 177 -7.97 -29.04 6.36
C GLY A 177 -8.67 -28.15 5.36
N PHE A 178 -9.56 -28.70 4.52
CA PHE A 178 -10.29 -27.89 3.54
C PHE A 178 -11.12 -26.87 4.29
N TYR A 179 -10.87 -25.62 3.95
CA TYR A 179 -11.69 -24.43 4.26
C TYR A 179 -11.78 -23.56 3.01
N SER A 180 -13.00 -23.28 2.55
CA SER A 180 -13.22 -22.74 1.22
C SER A 180 -12.32 -21.60 0.77
N SER A 181 -12.32 -20.49 1.50
CA SER A 181 -11.45 -19.37 1.15
C SER A 181 -9.97 -19.74 1.11
N ASP A 182 -9.46 -20.59 2.02
CA ASP A 182 -8.03 -20.99 1.99
C ASP A 182 -7.74 -21.87 0.75
N ALA A 183 -8.64 -22.80 0.43
CA ALA A 183 -8.54 -23.61 -0.78
C ALA A 183 -8.55 -22.79 -2.08
N PHE A 184 -9.36 -21.75 -2.16
CA PHE A 184 -9.42 -20.95 -3.37
C PHE A 184 -8.13 -20.14 -3.49
N GLY A 185 -7.59 -19.70 -2.36
CA GLY A 185 -6.33 -18.95 -2.40
C GLY A 185 -5.20 -19.84 -2.84
N ASP A 186 -5.15 -21.05 -2.27
CA ASP A 186 -4.17 -22.10 -2.58
C ASP A 186 -4.17 -22.44 -4.09
N LYS A 187 -5.34 -22.73 -4.65
CA LYS A 187 -5.44 -23.15 -6.03
C LYS A 187 -5.16 -22.06 -7.04
N LEU A 188 -5.64 -20.86 -6.80
CA LEU A 188 -5.31 -19.83 -7.72
C LEU A 188 -3.78 -19.50 -7.68
N LEU A 189 -3.15 -19.66 -6.54
CA LEU A 189 -1.73 -19.36 -6.42
C LEU A 189 -0.99 -20.42 -7.21
N GLN A 190 -1.44 -21.67 -7.07
CA GLN A 190 -0.82 -22.78 -7.78
C GLN A 190 -0.83 -22.52 -9.28
N TYR A 191 -1.99 -22.13 -9.81
CA TYR A 191 -2.18 -21.87 -11.23
C TYR A 191 -1.33 -20.68 -11.68
N LEU A 192 -1.20 -19.67 -10.85
CA LEU A 192 -0.37 -18.51 -11.21
C LEU A 192 1.09 -18.93 -11.22
N LYS A 193 1.49 -19.80 -10.31
CA LYS A 193 2.91 -20.18 -10.25
C LYS A 193 3.25 -21.14 -11.38
N GLU A 194 2.26 -21.89 -11.82
CA GLU A 194 2.39 -22.81 -12.95
C GLU A 194 2.17 -22.15 -14.32
N ARG A 195 1.93 -20.85 -14.35
CA ARG A 195 1.49 -20.21 -15.57
C ARG A 195 2.64 -20.16 -16.60
N ASP A 196 2.28 -19.85 -17.82
CA ASP A 196 3.26 -19.51 -18.84
C ASP A 196 3.60 -18.03 -18.64
N GLN A 197 4.79 -17.77 -18.09
CA GLN A 197 5.20 -16.42 -17.65
C GLN A 197 5.38 -15.37 -18.73
N SER A 198 5.29 -15.79 -19.99
CA SER A 198 5.49 -14.87 -21.09
C SER A 198 4.20 -14.59 -21.88
N ARG A 199 3.03 -14.88 -21.27
CA ARG A 199 1.69 -14.53 -21.83
C ARG A 199 0.80 -14.00 -20.70
N PRO A 200 -0.20 -13.17 -21.03
CA PRO A 200 -0.97 -12.54 -19.94
C PRO A 200 -2.04 -13.48 -19.39
N PHE A 201 -2.61 -13.12 -18.25
CA PHE A 201 -3.64 -13.97 -17.62
C PHE A 201 -4.92 -13.19 -17.27
N PHE A 202 -6.00 -13.99 -17.12
CA PHE A 202 -7.33 -13.59 -16.67
C PHE A 202 -7.57 -14.53 -15.50
N ALA A 203 -7.49 -13.95 -14.28
CA ALA A 203 -7.63 -14.69 -12.99
C ALA A 203 -8.97 -14.20 -12.36
N TYR A 204 -9.83 -15.16 -12.01
CA TYR A 204 -11.22 -14.93 -11.57
C TYR A 204 -11.24 -15.57 -10.23
N LEU A 205 -11.48 -14.75 -9.18
CA LEU A 205 -11.40 -15.25 -7.79
C LEU A 205 -12.70 -15.02 -7.04
N PRO A 206 -13.78 -15.82 -7.35
CA PRO A 206 -15.10 -15.64 -6.69
C PRO A 206 -15.15 -16.43 -5.42
N PHE A 207 -14.89 -15.77 -4.29
CA PHE A 207 -15.11 -16.41 -3.02
C PHE A 207 -16.60 -16.81 -2.76
N SER A 208 -16.79 -17.80 -1.90
CA SER A 208 -18.12 -18.09 -1.30
C SER A 208 -18.24 -17.46 0.13
N ALA A 209 -17.18 -16.84 0.64
CA ALA A 209 -17.27 -16.01 1.89
C ALA A 209 -17.70 -14.58 1.56
N PRO A 210 -18.43 -13.89 2.48
CA PRO A 210 -18.92 -14.34 3.78
C PRO A 210 -20.39 -14.84 3.78
N HIS A 211 -20.69 -15.80 2.90
CA HIS A 211 -22.02 -16.35 2.69
C HIS A 211 -22.27 -17.47 3.69
N TRP A 212 -23.54 -17.58 4.10
CA TRP A 212 -23.94 -18.58 5.06
C TRP A 212 -23.65 -20.02 4.56
N PRO A 213 -23.51 -20.99 5.47
CA PRO A 213 -23.44 -20.93 6.90
C PRO A 213 -22.18 -20.19 7.34
N LEU A 214 -22.26 -19.41 8.42
CA LEU A 214 -21.13 -18.57 8.77
C LEU A 214 -20.10 -19.39 9.53
N GLN A 215 -18.88 -19.48 9.02
CA GLN A 215 -17.93 -20.49 9.51
C GLN A 215 -16.53 -20.00 9.15
N ALA A 216 -15.62 -20.09 10.10
CA ALA A 216 -14.29 -19.47 10.04
C ALA A 216 -13.42 -20.06 11.12
N PRO A 217 -12.09 -20.04 10.90
CA PRO A 217 -11.23 -20.64 11.92
C PRO A 217 -11.35 -19.87 13.28
N ARG A 218 -11.39 -20.60 14.38
CA ARG A 218 -11.52 -20.02 15.70
C ARG A 218 -10.44 -18.99 15.99
N GLU A 219 -9.20 -19.21 15.54
CA GLU A 219 -8.11 -18.27 15.82
C GLU A 219 -8.34 -16.83 15.24
N ILE A 220 -9.09 -16.74 14.16
CA ILE A 220 -9.54 -15.44 13.61
C ILE A 220 -10.82 -14.93 14.34
N VAL A 221 -11.78 -15.82 14.59
CA VAL A 221 -13.00 -15.44 15.30
C VAL A 221 -12.67 -14.78 16.67
N GLU A 222 -11.72 -15.43 17.37
CA GLU A 222 -11.28 -14.99 18.66
C GLU A 222 -10.77 -13.54 18.65
N LYS A 223 -10.25 -13.03 17.52
CA LYS A 223 -9.81 -11.61 17.39
C LYS A 223 -10.96 -10.59 17.52
N TYR A 224 -12.20 -11.06 17.33
CA TYR A 224 -13.39 -10.21 17.40
C TYR A 224 -14.23 -10.49 18.68
N ARG A 225 -13.72 -11.26 19.63
CA ARG A 225 -14.47 -11.60 20.87
C ARG A 225 -14.92 -10.32 21.56
N GLY A 226 -16.22 -10.17 21.74
CA GLY A 226 -16.79 -9.01 22.40
C GLY A 226 -16.97 -7.77 21.53
N ARG A 227 -16.38 -7.74 20.32
CA ARG A 227 -16.51 -6.58 19.44
C ARG A 227 -17.92 -6.17 19.07
N TYR A 228 -18.90 -7.09 19.14
CA TYR A 228 -20.25 -6.86 18.66
C TYR A 228 -21.29 -6.97 19.77
N ASP A 229 -20.83 -6.92 21.03
CA ASP A 229 -21.73 -6.93 22.14
C ASP A 229 -22.76 -5.79 22.21
N ALA A 230 -22.47 -4.61 21.63
CA ALA A 230 -23.49 -3.52 21.59
C ALA A 230 -24.59 -3.74 20.49
N GLY A 231 -24.44 -4.75 19.63
CA GLY A 231 -25.57 -5.09 18.70
C GLY A 231 -25.60 -4.38 17.36
N PRO A 232 -26.62 -4.63 16.55
CA PRO A 232 -26.59 -4.18 15.17
C PRO A 232 -26.99 -2.71 14.87
N GLU A 233 -27.81 -2.10 15.73
CA GLU A 233 -28.11 -0.67 15.62
C GLU A 233 -26.91 0.20 16.05
N ALA A 234 -26.28 -0.19 17.14
CA ALA A 234 -25.05 0.44 17.59
C ALA A 234 -24.03 0.37 16.45
N LEU A 235 -23.87 -0.83 15.89
CA LEU A 235 -22.99 -1.03 14.69
C LEU A 235 -23.38 -0.15 13.48
N ARG A 236 -24.62 -0.16 13.10
CA ARG A 236 -25.11 0.77 12.05
C ARG A 236 -24.76 2.25 12.31
N GLN A 237 -24.89 2.72 13.55
CA GLN A 237 -24.53 4.11 13.88
C GLN A 237 -23.03 4.36 13.71
N GLU A 238 -22.19 3.41 14.11
CA GLU A 238 -20.73 3.49 13.90
C GLU A 238 -20.41 3.55 12.40
N ARG A 239 -21.03 2.65 11.63
CA ARG A 239 -20.79 2.56 10.17
C ARG A 239 -21.21 3.84 9.45
N LEU A 240 -22.36 4.43 9.82
CA LEU A 240 -22.84 5.65 9.16
C LEU A 240 -21.95 6.84 9.48
N ALA A 241 -21.45 6.91 10.72
CA ALA A 241 -20.51 8.00 11.12
C ALA A 241 -19.23 7.95 10.31
N ARG A 242 -18.71 6.74 10.18
CA ARG A 242 -17.47 6.51 9.43
C ARG A 242 -17.57 6.72 7.89
N LEU A 243 -18.64 6.22 7.29
CA LEU A 243 -18.99 6.54 5.87
C LEU A 243 -18.94 8.06 5.60
N LYS A 244 -19.54 8.82 6.52
CA LYS A 244 -19.58 10.29 6.39
C LYS A 244 -18.20 10.92 6.57
N GLU A 245 -17.50 10.48 7.59
CA GLU A 245 -16.14 10.91 7.89
C GLU A 245 -15.20 10.62 6.71
N LEU A 246 -15.35 9.49 6.05
CA LEU A 246 -14.50 9.14 4.91
C LEU A 246 -14.94 9.76 3.59
N GLY A 247 -16.11 10.37 3.54
CA GLY A 247 -16.64 10.96 2.30
C GLY A 247 -17.35 10.03 1.36
N LEU A 248 -17.63 8.80 1.80
CA LEU A 248 -18.34 7.80 0.99
C LEU A 248 -19.81 8.13 0.80
N VAL A 249 -20.37 8.83 1.78
CA VAL A 249 -21.77 9.28 1.70
C VAL A 249 -21.81 10.74 2.16
N GLU A 250 -22.76 11.52 1.62
CA GLU A 250 -22.96 12.98 1.98
C GLU A 250 -23.30 13.18 3.46
N ALA A 251 -22.76 14.24 4.02
CA ALA A 251 -22.72 14.41 5.47
C ALA A 251 -24.12 14.45 6.08
N ASP A 252 -25.10 14.88 5.31
CA ASP A 252 -26.44 14.99 5.85
C ASP A 252 -27.40 13.98 5.24
N VAL A 253 -26.90 12.88 4.69
CA VAL A 253 -27.79 11.88 4.11
C VAL A 253 -28.73 11.32 5.23
N GLU A 254 -29.98 11.13 4.88
CA GLU A 254 -30.97 10.54 5.77
C GLU A 254 -31.03 9.03 5.54
N ALA A 255 -30.69 8.23 6.51
CA ALA A 255 -30.61 6.76 6.30
C ALA A 255 -32.00 6.18 6.25
N HIS A 256 -32.25 5.20 5.40
CA HIS A 256 -33.53 4.53 5.50
C HIS A 256 -33.73 3.82 6.88
N PRO A 257 -34.94 3.88 7.46
CA PRO A 257 -35.27 3.14 8.70
C PRO A 257 -35.14 1.62 8.60
N VAL A 258 -34.82 1.00 9.73
CA VAL A 258 -34.54 -0.40 9.74
C VAL A 258 -35.87 -1.14 9.81
N LEU A 259 -36.05 -2.14 8.94
CA LEU A 259 -37.29 -2.91 8.86
C LEU A 259 -36.97 -4.33 9.08
N ALA A 260 -37.58 -4.93 10.10
CA ALA A 260 -37.34 -6.34 10.42
C ALA A 260 -38.46 -6.87 11.26
N LEU A 261 -38.76 -8.15 11.13
CA LEU A 261 -39.80 -8.76 11.91
C LEU A 261 -39.26 -9.45 13.16
N THR A 262 -37.96 -9.50 13.31
CA THR A 262 -37.35 -10.03 14.50
C THR A 262 -37.41 -9.02 15.67
N ARG A 263 -37.10 -9.51 16.87
CA ARG A 263 -37.02 -8.63 18.02
C ARG A 263 -35.72 -7.80 17.93
N GLU A 264 -35.80 -6.55 18.40
CA GLU A 264 -34.68 -5.64 18.43
C GLU A 264 -33.73 -6.10 19.49
N TRP A 265 -32.48 -5.67 19.39
CA TRP A 265 -31.38 -6.12 20.27
C TRP A 265 -31.77 -6.10 21.80
N GLU A 266 -32.31 -4.96 22.25
CA GLU A 266 -32.59 -4.70 23.71
C GLU A 266 -33.69 -5.52 24.28
N ALA A 267 -34.55 -6.02 23.39
CA ALA A 267 -35.64 -6.93 23.77
C ALA A 267 -35.19 -8.37 23.91
N LEU A 268 -33.95 -8.67 23.50
CA LEU A 268 -33.48 -10.02 23.43
C LEU A 268 -32.94 -10.48 24.77
N GLU A 269 -33.15 -11.76 25.06
CA GLU A 269 -32.57 -12.36 26.27
C GLU A 269 -31.07 -12.49 26.08
N ASP A 270 -30.35 -12.43 27.19
CA ASP A 270 -28.90 -12.61 27.26
C ASP A 270 -28.31 -13.69 26.36
N GLU A 271 -28.88 -14.89 26.42
CA GLU A 271 -28.38 -16.03 25.67
C GLU A 271 -28.51 -15.80 24.15
N GLU A 272 -29.61 -15.15 23.74
CA GLU A 272 -29.92 -14.96 22.35
C GLU A 272 -28.96 -13.96 21.82
N ARG A 273 -28.74 -12.89 22.60
CA ARG A 273 -27.76 -11.92 22.22
C ARG A 273 -26.38 -12.52 22.03
N ALA A 274 -25.92 -13.30 23.02
CA ALA A 274 -24.59 -13.89 22.95
C ALA A 274 -24.35 -14.68 21.65
N LYS A 275 -25.35 -15.45 21.27
CA LYS A 275 -25.30 -16.23 20.02
C LYS A 275 -25.35 -15.36 18.76
N SER A 276 -26.12 -14.27 18.80
CA SER A 276 -26.29 -13.45 17.64
C SER A 276 -24.95 -12.68 17.51
N ALA A 277 -24.38 -12.21 18.61
CA ALA A 277 -23.12 -11.49 18.53
C ALA A 277 -22.05 -12.39 18.04
N ARG A 278 -22.02 -13.65 18.52
CA ARG A 278 -21.00 -14.63 18.08
C ARG A 278 -21.09 -14.89 16.57
N ALA A 279 -22.31 -14.93 16.04
CA ALA A 279 -22.47 -14.98 14.59
C ALA A 279 -21.79 -13.84 13.81
N MET A 280 -21.94 -12.61 14.29
CA MET A 280 -21.34 -11.48 13.62
C MET A 280 -19.83 -11.49 13.85
N GLU A 281 -19.34 -11.97 15.01
CA GLU A 281 -17.88 -12.22 15.18
C GLU A 281 -17.34 -13.20 14.09
N VAL A 282 -18.08 -14.28 13.89
CA VAL A 282 -17.70 -15.29 12.88
C VAL A 282 -17.68 -14.62 11.47
N TYR A 283 -18.73 -13.84 11.18
CA TYR A 283 -18.80 -13.10 9.89
C TYR A 283 -17.63 -12.22 9.62
N ALA A 284 -17.19 -11.46 10.63
CA ALA A 284 -16.03 -10.61 10.54
C ALA A 284 -14.76 -11.44 10.21
N ALA A 285 -14.54 -12.56 10.90
CA ALA A 285 -13.41 -13.49 10.66
C ALA A 285 -13.44 -14.05 9.24
N MET A 286 -14.64 -14.31 8.72
CA MET A 286 -14.77 -14.73 7.30
C MET A 286 -14.17 -13.68 6.39
N VAL A 287 -14.49 -12.44 6.68
CA VAL A 287 -14.08 -11.38 5.78
C VAL A 287 -12.58 -11.17 5.97
N GLU A 288 -12.12 -11.16 7.23
CA GLU A 288 -10.63 -11.00 7.44
C GLU A 288 -9.83 -12.14 6.75
N ARG A 289 -10.36 -13.33 6.83
CA ARG A 289 -9.72 -14.52 6.27
C ARG A 289 -9.77 -14.56 4.76
N MET A 290 -10.90 -14.09 4.17
CA MET A 290 -10.94 -13.81 2.75
C MET A 290 -9.80 -12.83 2.40
N ASP A 291 -9.78 -11.71 3.09
CA ASP A 291 -8.80 -10.71 2.83
C ASP A 291 -7.38 -11.22 2.93
N TRP A 292 -7.16 -12.15 3.81
CA TRP A 292 -5.84 -12.79 3.99
C TRP A 292 -5.40 -13.63 2.79
N ASN A 293 -6.34 -14.39 2.25
CA ASN A 293 -6.11 -15.10 0.98
C ASN A 293 -5.91 -14.19 -0.27
N ILE A 294 -6.62 -13.07 -0.29
CA ILE A 294 -6.42 -12.05 -1.33
C ILE A 294 -4.98 -11.49 -1.29
N GLY A 295 -4.49 -11.31 -0.09
CA GLY A 295 -3.13 -10.86 0.11
C GLY A 295 -2.05 -11.86 -0.34
N ARG A 296 -2.27 -13.15 -0.08
CA ARG A 296 -1.36 -14.18 -0.57
C ARG A 296 -1.18 -14.10 -2.13
N VAL A 297 -2.30 -13.96 -2.84
CA VAL A 297 -2.33 -13.82 -4.29
C VAL A 297 -1.74 -12.52 -4.78
N VAL A 298 -2.14 -11.42 -4.14
CA VAL A 298 -1.66 -10.11 -4.57
C VAL A 298 -0.13 -9.98 -4.31
N ASP A 299 0.31 -10.56 -3.20
CA ASP A 299 1.67 -10.44 -2.77
C ASP A 299 2.56 -11.25 -3.70
N TYR A 300 2.08 -12.39 -4.16
CA TYR A 300 2.80 -13.19 -5.11
C TYR A 300 2.94 -12.42 -6.44
N LEU A 301 1.85 -11.83 -6.93
CA LEU A 301 1.89 -11.06 -8.16
C LEU A 301 2.88 -9.89 -8.03
N ARG A 302 2.88 -9.26 -6.86
CA ARG A 302 3.76 -8.14 -6.57
C ARG A 302 5.23 -8.52 -6.64
N ARG A 303 5.62 -9.57 -5.92
CA ARG A 303 6.97 -10.06 -5.96
C ARG A 303 7.41 -10.53 -7.33
N GLN A 304 6.47 -11.00 -8.13
CA GLN A 304 6.73 -11.37 -9.53
C GLN A 304 6.96 -10.20 -10.49
N GLY A 305 6.75 -8.99 -10.02
CA GLY A 305 6.82 -7.85 -10.90
C GLY A 305 5.64 -7.70 -11.84
N GLU A 306 4.50 -8.27 -11.51
CA GLU A 306 3.34 -8.28 -12.38
C GLU A 306 2.21 -7.38 -11.92
N LEU A 307 2.17 -6.95 -10.66
CA LEU A 307 0.93 -6.30 -10.16
C LEU A 307 0.60 -5.01 -10.87
N ASP A 308 1.61 -4.21 -11.18
CA ASP A 308 1.40 -2.90 -11.77
C ASP A 308 0.92 -3.02 -13.24
N ASN A 309 1.12 -4.14 -13.92
CA ASN A 309 0.45 -4.34 -15.25
C ASN A 309 -0.73 -5.32 -15.10
N THR A 310 -1.31 -5.41 -13.90
CA THR A 310 -2.57 -6.15 -13.62
C THR A 310 -3.69 -5.13 -13.28
N PHE A 311 -4.80 -5.21 -14.01
CA PHE A 311 -6.01 -4.46 -13.66
C PHE A 311 -6.75 -5.32 -12.61
N VAL A 312 -6.88 -4.79 -11.38
CA VAL A 312 -7.53 -5.50 -10.28
C VAL A 312 -8.89 -4.89 -10.05
N LEU A 313 -9.92 -5.73 -10.14
CA LEU A 313 -11.25 -5.39 -9.70
C LEU A 313 -11.71 -6.27 -8.55
N PHE A 314 -12.14 -5.61 -7.49
CA PHE A 314 -12.82 -6.26 -6.36
C PHE A 314 -14.25 -5.74 -6.28
N MET A 315 -15.18 -6.64 -5.97
CA MET A 315 -16.61 -6.28 -5.76
C MET A 315 -17.32 -7.35 -4.93
N SER A 316 -18.44 -6.97 -4.31
CA SER A 316 -19.36 -7.97 -3.82
C SER A 316 -20.34 -8.21 -4.97
N ASP A 317 -21.13 -9.29 -4.88
CA ASP A 317 -22.05 -9.73 -5.94
C ASP A 317 -23.54 -9.28 -5.73
N ASN A 318 -23.85 -8.74 -4.54
CA ASN A 318 -25.17 -8.27 -4.20
C ASN A 318 -25.12 -7.64 -2.82
N GLY A 319 -26.26 -7.14 -2.32
CA GLY A 319 -26.28 -6.48 -1.00
C GLY A 319 -26.07 -7.50 0.08
N ALA A 320 -25.74 -7.01 1.28
CA ALA A 320 -25.63 -7.95 2.42
C ALA A 320 -26.89 -8.75 2.66
N GLU A 321 -26.70 -9.93 3.21
CA GLU A 321 -27.73 -10.96 3.29
C GLU A 321 -28.59 -10.83 4.56
N GLY A 322 -29.73 -10.19 4.42
CA GLY A 322 -30.68 -10.14 5.55
C GLY A 322 -31.65 -11.29 5.76
N ALA A 323 -31.56 -12.38 4.99
CA ALA A 323 -32.63 -13.42 5.01
C ALA A 323 -32.71 -14.22 6.29
N LEU A 324 -33.92 -14.65 6.58
CA LEU A 324 -34.20 -15.61 7.64
C LEU A 324 -34.57 -16.87 6.88
N LEU A 325 -33.66 -17.83 6.87
CA LEU A 325 -33.82 -19.06 6.13
C LEU A 325 -34.99 -19.89 6.69
N GLU A 326 -35.28 -19.73 7.98
CA GLU A 326 -36.42 -20.38 8.62
C GLU A 326 -37.81 -19.79 8.25
N ALA A 327 -37.84 -18.66 7.52
CA ALA A 327 -39.09 -17.98 7.14
C ALA A 327 -39.64 -18.41 5.79
N PHE A 328 -38.84 -19.10 4.99
CA PHE A 328 -39.27 -19.57 3.67
C PHE A 328 -39.55 -21.07 3.70
N PRO A 329 -40.83 -21.46 3.88
CA PRO A 329 -41.13 -22.88 4.09
C PRO A 329 -40.81 -23.74 2.86
N LYS A 330 -40.65 -23.12 1.70
CA LYS A 330 -40.08 -23.81 0.54
C LYS A 330 -38.59 -24.19 0.69
N PHE A 331 -37.85 -23.56 1.62
CA PHE A 331 -36.47 -24.00 1.93
C PHE A 331 -36.44 -25.18 2.92
N GLY A 332 -37.58 -25.42 3.56
CA GLY A 332 -37.80 -26.60 4.39
C GLY A 332 -38.17 -27.86 3.57
N PRO A 333 -39.09 -28.68 4.09
CA PRO A 333 -39.86 -28.59 5.33
C PRO A 333 -38.95 -28.72 6.57
N ASP A 334 -39.31 -28.06 7.67
CA ASP A 334 -38.68 -28.29 8.96
C ASP A 334 -37.14 -28.01 8.99
N LEU A 335 -36.66 -26.86 8.47
CA LEU A 335 -35.22 -26.55 8.52
C LEU A 335 -34.69 -26.61 9.94
N LEU A 336 -35.36 -25.91 10.86
CA LEU A 336 -34.80 -25.71 12.21
C LEU A 336 -34.72 -27.02 12.98
N ASP A 337 -35.70 -27.88 12.79
CA ASP A 337 -35.72 -29.15 13.45
C ASP A 337 -34.58 -30.05 12.94
N PHE A 338 -34.38 -30.04 11.62
CA PHE A 338 -33.29 -30.77 11.03
C PHE A 338 -31.91 -30.27 11.51
N LEU A 339 -31.72 -28.94 11.66
CA LEU A 339 -30.49 -28.41 12.18
C LEU A 339 -30.29 -28.77 13.61
N ASP A 340 -31.36 -28.75 14.41
CA ASP A 340 -31.27 -29.22 15.82
C ASP A 340 -30.78 -30.62 15.99
N ARG A 341 -31.15 -31.51 15.06
CA ARG A 341 -30.81 -32.92 15.13
C ARG A 341 -29.42 -33.25 14.52
N HIS A 342 -28.89 -32.37 13.65
CA HIS A 342 -27.69 -32.68 12.86
C HIS A 342 -26.51 -31.75 13.05
N TYR A 343 -26.77 -30.61 13.68
CA TYR A 343 -25.74 -29.59 13.85
C TYR A 343 -25.71 -29.20 15.31
N ASP A 344 -24.69 -28.44 15.70
CA ASP A 344 -24.51 -28.00 17.08
C ASP A 344 -24.33 -26.50 17.06
N ASN A 345 -25.42 -25.77 17.28
CA ASN A 345 -25.45 -24.30 17.23
C ASN A 345 -25.37 -23.72 18.65
N SER A 346 -24.79 -24.47 19.58
CA SER A 346 -24.51 -23.93 20.90
C SER A 346 -23.53 -22.73 20.69
N LEU A 347 -23.46 -21.86 21.68
CA LEU A 347 -22.66 -20.65 21.64
C LEU A 347 -21.24 -21.03 21.28
N GLU A 348 -20.68 -22.02 21.97
CA GLU A 348 -19.25 -22.31 21.80
C GLU A 348 -18.92 -22.81 20.43
N ASN A 349 -19.85 -23.58 19.86
CA ASN A 349 -19.66 -24.21 18.54
C ASN A 349 -19.94 -23.35 17.28
N ILE A 350 -20.51 -22.15 17.44
CA ILE A 350 -20.94 -21.33 16.30
C ILE A 350 -19.68 -20.90 15.57
N GLY A 351 -19.64 -21.22 14.27
CA GLY A 351 -18.49 -20.98 13.43
C GLY A 351 -17.70 -22.21 12.97
N ARG A 352 -17.87 -23.35 13.65
CA ARG A 352 -17.20 -24.58 13.26
C ARG A 352 -17.99 -25.32 12.15
N ALA A 353 -17.40 -26.40 11.67
CA ALA A 353 -17.94 -27.10 10.50
C ALA A 353 -19.35 -27.67 10.73
N ASN A 354 -19.65 -28.12 11.95
CA ASN A 354 -20.95 -28.70 12.26
C ASN A 354 -21.90 -27.73 13.00
N SER A 355 -21.68 -26.42 12.79
CA SER A 355 -22.69 -25.40 13.09
C SER A 355 -23.28 -24.90 11.74
N TYR A 356 -24.45 -24.29 11.78
CA TYR A 356 -25.09 -23.79 10.58
C TYR A 356 -25.92 -22.56 10.96
N VAL A 357 -25.33 -21.36 10.85
CA VAL A 357 -26.10 -20.11 11.14
C VAL A 357 -25.96 -19.05 10.04
N TRP A 358 -26.89 -18.13 10.10
CA TRP A 358 -26.95 -16.92 9.24
C TRP A 358 -27.19 -15.76 10.22
N TYR A 359 -26.79 -14.52 9.89
CA TYR A 359 -26.85 -13.44 10.90
C TYR A 359 -28.12 -12.54 10.90
N GLY A 360 -28.97 -12.64 9.89
CA GLY A 360 -30.28 -12.05 9.96
C GLY A 360 -30.37 -10.58 9.46
N PRO A 361 -31.61 -10.01 9.46
CA PRO A 361 -31.90 -8.71 8.80
C PRO A 361 -31.32 -7.47 9.45
N ARG A 362 -31.12 -7.48 10.74
CA ARG A 362 -30.64 -6.30 11.41
C ARG A 362 -29.14 -6.15 11.26
N TRP A 363 -28.38 -7.24 11.44
CA TRP A 363 -26.94 -7.19 11.17
C TRP A 363 -26.71 -6.74 9.73
N ALA A 364 -27.55 -7.20 8.80
CA ALA A 364 -27.32 -6.94 7.36
C ALA A 364 -27.62 -5.49 6.98
N GLN A 365 -28.68 -4.95 7.58
CA GLN A 365 -28.98 -3.55 7.44
C GLN A 365 -27.93 -2.63 8.06
N ALA A 366 -27.14 -3.09 9.04
CA ALA A 366 -26.06 -2.24 9.54
C ALA A 366 -25.04 -1.89 8.45
N ALA A 367 -24.87 -2.83 7.52
CA ALA A 367 -23.81 -2.84 6.49
C ALA A 367 -24.29 -2.28 5.16
N THR A 368 -25.61 -2.32 4.93
CA THR A 368 -26.18 -1.58 3.76
C THR A 368 -26.58 -0.13 4.01
N ALA A 369 -26.72 0.29 5.26
CA ALA A 369 -27.04 1.69 5.53
C ALA A 369 -26.02 2.64 4.81
N PRO A 370 -26.53 3.76 4.31
CA PRO A 370 -27.87 4.36 4.44
C PRO A 370 -28.99 3.81 3.58
N SER A 371 -28.70 2.78 2.77
CA SER A 371 -29.62 2.29 1.79
C SER A 371 -30.78 1.48 2.38
N ARG A 372 -31.87 1.48 1.59
CA ARG A 372 -33.07 0.77 1.91
C ARG A 372 -32.96 -0.74 1.68
N LEU A 373 -33.15 -1.50 2.77
CA LEU A 373 -33.17 -2.97 2.80
C LEU A 373 -31.83 -3.65 2.39
N TYR A 374 -31.85 -4.71 1.58
CA TYR A 374 -30.72 -5.62 1.49
C TYR A 374 -30.95 -6.61 0.38
N LYS A 375 -30.05 -7.61 0.27
CA LYS A 375 -30.05 -8.67 -0.76
C LYS A 375 -31.43 -9.21 -1.09
N ALA A 376 -31.63 -9.42 -2.39
CA ALA A 376 -32.84 -9.99 -2.97
C ALA A 376 -33.90 -8.90 -3.15
N PHE A 377 -33.63 -7.66 -2.75
CA PHE A 377 -34.48 -6.54 -3.15
C PHE A 377 -33.87 -5.62 -4.23
N THR A 378 -34.75 -4.91 -4.91
CA THR A 378 -34.35 -4.00 -6.01
C THR A 378 -34.12 -2.60 -5.50
N THR A 379 -34.28 -2.39 -4.20
CA THR A 379 -33.91 -1.14 -3.65
C THR A 379 -32.34 -1.07 -3.66
N GLN A 380 -31.78 0.09 -3.40
CA GLN A 380 -30.33 0.26 -3.39
C GLN A 380 -29.61 -0.65 -2.39
N GLY A 381 -30.27 -1.04 -1.30
CA GLY A 381 -29.71 -2.04 -0.37
C GLY A 381 -29.34 -3.37 -0.96
N GLY A 382 -30.12 -3.83 -1.93
CA GLY A 382 -29.85 -5.07 -2.61
C GLY A 382 -28.94 -5.00 -3.83
N ILE A 383 -28.88 -3.83 -4.44
CA ILE A 383 -28.10 -3.65 -5.68
C ILE A 383 -26.88 -2.73 -5.60
N ARG A 384 -26.80 -1.77 -4.70
CA ARG A 384 -25.57 -0.95 -4.63
C ARG A 384 -24.52 -1.67 -3.78
N VAL A 385 -23.38 -2.02 -4.38
CA VAL A 385 -22.33 -2.84 -3.75
C VAL A 385 -20.94 -2.13 -3.70
N PRO A 386 -20.06 -2.51 -2.73
CA PRO A 386 -18.74 -1.88 -2.76
C PRO A 386 -17.93 -2.38 -3.98
N ALA A 387 -17.15 -1.50 -4.60
CA ALA A 387 -16.24 -1.91 -5.69
C ALA A 387 -15.00 -1.05 -5.64
N LEU A 388 -13.87 -1.59 -6.06
CA LEU A 388 -12.62 -0.82 -6.26
C LEU A 388 -11.85 -1.30 -7.50
N VAL A 389 -11.11 -0.38 -8.13
CA VAL A 389 -10.25 -0.65 -9.30
C VAL A 389 -8.83 -0.11 -9.01
N ARG A 390 -7.85 -1.00 -9.00
CA ARG A 390 -6.45 -0.64 -8.90
C ARG A 390 -5.71 -1.07 -10.17
N TYR A 391 -5.32 -0.06 -10.92
CA TYR A 391 -4.54 -0.18 -12.15
C TYR A 391 -3.79 1.13 -12.41
N PRO A 392 -2.48 1.14 -12.15
CA PRO A 392 -1.82 2.42 -12.20
C PRO A 392 -1.62 3.09 -13.55
N ARG A 393 -2.02 2.50 -14.65
CA ARG A 393 -1.98 3.17 -15.99
C ARG A 393 -3.20 4.07 -16.18
N LEU A 394 -4.29 3.78 -15.47
CA LEU A 394 -5.40 4.71 -15.46
C LEU A 394 -5.02 5.92 -14.69
N SER A 395 -5.52 7.06 -15.17
CA SER A 395 -5.28 8.32 -14.52
C SER A 395 -6.20 8.51 -13.30
N ARG A 396 -7.36 7.87 -13.28
CA ARG A 396 -8.34 8.11 -12.20
C ARG A 396 -8.08 7.13 -11.06
N GLN A 397 -7.11 7.45 -10.21
CA GLN A 397 -6.66 6.60 -9.08
C GLN A 397 -6.39 7.46 -7.82
N GLY A 398 -6.55 6.84 -6.64
CA GLY A 398 -6.39 7.54 -5.39
C GLY A 398 -7.60 8.27 -4.87
N ALA A 399 -8.78 8.07 -5.47
CA ALA A 399 -9.95 8.89 -5.22
C ALA A 399 -11.19 8.04 -4.99
N ILE A 400 -12.25 8.73 -4.61
CA ILE A 400 -13.55 8.13 -4.40
C ILE A 400 -14.50 8.72 -5.46
N SER A 401 -15.04 7.89 -6.34
CA SER A 401 -16.01 8.33 -7.37
C SER A 401 -17.45 7.85 -7.11
N HIS A 402 -18.32 8.84 -7.20
CA HIS A 402 -19.74 8.67 -7.15
C HIS A 402 -20.40 8.54 -8.55
N ALA A 403 -19.61 8.29 -9.59
CA ALA A 403 -20.12 8.02 -10.93
C ALA A 403 -20.88 6.68 -11.04
N PHE A 404 -22.10 6.75 -11.59
CA PHE A 404 -22.89 5.56 -11.87
C PHE A 404 -22.18 4.54 -12.73
N ALA A 405 -22.31 3.27 -12.38
CA ALA A 405 -21.64 2.18 -13.08
C ALA A 405 -22.39 0.89 -12.73
N THR A 406 -22.35 -0.09 -13.63
CA THR A 406 -22.84 -1.43 -13.33
C THR A 406 -21.84 -2.51 -13.64
N VAL A 407 -22.12 -3.69 -13.10
CA VAL A 407 -21.48 -4.94 -13.43
C VAL A 407 -21.50 -5.32 -14.93
N MET A 408 -22.49 -4.86 -15.69
CA MET A 408 -22.46 -5.02 -17.19
C MET A 408 -21.35 -4.24 -17.92
N ASP A 409 -20.74 -3.27 -17.24
CA ASP A 409 -19.64 -2.45 -17.81
C ASP A 409 -18.28 -3.13 -17.83
N VAL A 410 -18.15 -4.22 -17.08
CA VAL A 410 -16.87 -4.81 -16.85
C VAL A 410 -16.33 -5.54 -18.09
N THR A 411 -17.13 -6.45 -18.64
CA THR A 411 -16.74 -7.20 -19.84
C THR A 411 -16.22 -6.25 -20.95
N PRO A 412 -16.94 -5.17 -21.24
CA PRO A 412 -16.52 -4.24 -22.28
C PRO A 412 -15.20 -3.53 -21.98
N THR A 413 -15.07 -3.10 -20.73
CA THR A 413 -13.85 -2.52 -20.22
C THR A 413 -12.64 -3.42 -20.41
N LEU A 414 -12.76 -4.68 -20.04
CA LEU A 414 -11.63 -5.59 -20.05
C LEU A 414 -11.27 -5.99 -21.50
N LEU A 415 -12.30 -6.16 -22.35
CA LEU A 415 -12.03 -6.43 -23.80
C LEU A 415 -11.24 -5.26 -24.42
N ASP A 416 -11.71 -4.07 -24.12
CA ASP A 416 -11.06 -2.81 -24.48
C ASP A 416 -9.60 -2.82 -24.07
N LEU A 417 -9.35 -3.04 -22.76
CA LEU A 417 -7.99 -3.02 -22.27
C LEU A 417 -7.13 -4.07 -22.92
N ALA A 418 -7.72 -5.22 -23.23
CA ALA A 418 -6.99 -6.35 -23.81
C ALA A 418 -6.70 -6.23 -25.34
N GLY A 419 -7.18 -5.14 -25.97
CA GLY A 419 -7.15 -4.96 -27.42
C GLY A 419 -8.03 -5.94 -28.20
N VAL A 420 -9.18 -6.33 -27.64
CA VAL A 420 -10.08 -7.35 -28.24
C VAL A 420 -11.46 -6.76 -28.57
N ARG A 421 -11.94 -7.06 -29.78
CA ARG A 421 -13.26 -6.63 -30.22
C ARG A 421 -14.31 -7.69 -29.84
N HIS A 422 -15.43 -7.23 -29.29
CA HIS A 422 -16.54 -8.13 -29.08
C HIS A 422 -16.98 -8.64 -30.48
N PRO A 423 -17.24 -9.96 -30.61
CA PRO A 423 -17.49 -10.52 -31.93
C PRO A 423 -18.80 -10.09 -32.59
N GLY A 424 -19.58 -9.23 -31.97
CA GLY A 424 -20.89 -8.83 -32.50
C GLY A 424 -21.98 -9.89 -32.30
N LYS A 425 -22.75 -10.17 -33.35
CA LYS A 425 -23.96 -10.97 -33.23
C LYS A 425 -23.85 -12.41 -33.65
N ARG A 426 -22.67 -12.86 -34.03
CA ARG A 426 -22.49 -14.28 -34.31
C ARG A 426 -21.14 -14.74 -33.77
N TRP A 427 -21.05 -16.00 -33.33
CA TRP A 427 -19.84 -16.49 -32.73
C TRP A 427 -19.90 -18.01 -32.64
N ARG A 428 -18.85 -18.69 -33.11
CA ARG A 428 -18.83 -20.16 -33.22
C ARG A 428 -20.09 -20.70 -33.93
N GLY A 429 -20.55 -19.95 -34.94
CA GLY A 429 -21.74 -20.31 -35.70
C GLY A 429 -23.03 -20.35 -34.90
N ARG A 430 -23.18 -19.41 -33.96
CA ARG A 430 -24.45 -19.19 -33.25
C ARG A 430 -24.66 -17.69 -33.08
N GLU A 431 -25.93 -17.31 -33.16
CA GLU A 431 -26.38 -15.97 -32.96
C GLU A 431 -26.20 -15.60 -31.48
N ILE A 432 -25.74 -14.40 -31.19
CA ILE A 432 -25.45 -14.05 -29.77
C ILE A 432 -25.81 -12.62 -29.41
N ALA A 433 -25.90 -12.41 -28.09
CA ALA A 433 -26.26 -11.14 -27.51
C ALA A 433 -25.03 -10.22 -27.54
N GLU A 434 -25.28 -8.92 -27.63
CA GLU A 434 -24.25 -7.90 -27.57
C GLU A 434 -24.35 -7.10 -26.25
N PRO A 435 -23.20 -6.71 -25.68
CA PRO A 435 -23.15 -6.03 -24.35
C PRO A 435 -24.15 -4.88 -24.20
N ARG A 436 -24.81 -4.78 -23.05
CA ARG A 436 -25.65 -3.63 -22.71
C ARG A 436 -24.90 -2.58 -21.91
N GLY A 437 -23.77 -2.93 -21.32
CA GLY A 437 -22.95 -1.94 -20.61
C GLY A 437 -22.08 -1.09 -21.53
N ARG A 438 -21.32 -0.15 -20.95
CA ARG A 438 -20.35 0.73 -21.68
C ARG A 438 -18.90 0.59 -21.12
N SER A 439 -17.88 0.65 -21.97
CA SER A 439 -16.53 0.60 -21.48
C SER A 439 -16.22 1.71 -20.48
N TRP A 440 -15.53 1.36 -19.40
CA TRP A 440 -15.01 2.37 -18.44
C TRP A 440 -13.75 3.15 -18.87
N LEU A 441 -13.19 2.86 -20.05
CA LEU A 441 -11.83 3.34 -20.34
C LEU A 441 -11.75 4.87 -20.53
N GLY A 442 -12.75 5.45 -21.20
CA GLY A 442 -12.75 6.91 -21.38
C GLY A 442 -12.82 7.59 -20.03
N TRP A 443 -13.65 7.05 -19.14
CA TRP A 443 -13.81 7.59 -17.83
C TRP A 443 -12.55 7.41 -17.01
N LEU A 444 -12.06 6.19 -16.91
CA LEU A 444 -10.95 5.91 -16.00
C LEU A 444 -9.66 6.51 -16.52
N SER A 445 -9.57 6.64 -17.83
CA SER A 445 -8.40 7.31 -18.38
C SER A 445 -8.47 8.83 -18.19
N GLY A 446 -9.48 9.35 -17.51
CA GLY A 446 -9.60 10.78 -17.26
C GLY A 446 -10.24 11.67 -18.35
N GLU A 447 -10.56 11.13 -19.52
CA GLU A 447 -11.20 11.91 -20.60
C GLU A 447 -12.64 12.36 -20.32
N THR A 448 -13.40 11.56 -19.61
CA THR A 448 -14.77 11.91 -19.22
C THR A 448 -14.96 11.72 -17.71
N GLU A 449 -16.01 12.35 -17.18
CA GLU A 449 -16.33 12.31 -15.77
C GLU A 449 -17.09 11.07 -15.38
N ALA A 450 -17.60 10.30 -16.35
CA ALA A 450 -18.31 9.05 -16.05
C ALA A 450 -18.56 8.31 -17.33
N ALA A 451 -18.96 7.04 -17.23
CA ALA A 451 -19.16 6.18 -18.42
C ALA A 451 -20.60 6.23 -18.95
N HIS A 452 -21.43 7.05 -18.31
CA HIS A 452 -22.86 7.15 -18.54
C HIS A 452 -23.28 8.56 -18.20
N ASP A 453 -24.52 8.87 -18.50
CA ASP A 453 -25.02 10.21 -18.30
C ASP A 453 -26.48 10.23 -17.83
N GLU A 454 -27.04 11.44 -17.79
CA GLU A 454 -28.37 11.71 -17.29
C GLU A 454 -29.46 11.03 -18.09
N ASN A 455 -29.10 10.38 -19.20
CA ASN A 455 -30.06 9.68 -20.05
C ASN A 455 -29.94 8.17 -20.06
N THR A 456 -28.86 7.65 -19.50
CA THR A 456 -28.66 6.21 -19.39
C THR A 456 -29.84 5.54 -18.68
N VAL A 457 -30.38 4.49 -19.29
CA VAL A 457 -31.50 3.72 -18.72
C VAL A 457 -31.09 2.31 -18.31
N THR A 458 -31.40 1.94 -17.08
CA THR A 458 -31.06 0.63 -16.61
C THR A 458 -32.22 0.03 -15.86
N GLY A 459 -32.50 -1.26 -16.14
CA GLY A 459 -33.47 -2.06 -15.39
C GLY A 459 -33.02 -3.26 -14.57
N TRP A 460 -33.87 -3.60 -13.60
CA TRP A 460 -33.74 -4.77 -12.79
C TRP A 460 -35.11 -5.37 -12.58
N GLY A 461 -35.14 -6.69 -12.53
CA GLY A 461 -36.33 -7.43 -12.21
C GLY A 461 -36.04 -8.83 -11.75
N LEU A 462 -36.53 -9.15 -10.56
CA LEU A 462 -36.22 -10.43 -9.94
C LEU A 462 -37.12 -10.71 -8.75
N PHE A 463 -37.57 -11.98 -8.63
CA PHE A 463 -38.46 -12.40 -7.53
C PHE A 463 -39.69 -11.56 -7.47
N GLY A 464 -40.13 -11.01 -8.62
CA GLY A 464 -41.31 -10.11 -8.67
C GLY A 464 -41.13 -8.65 -8.29
N MET A 465 -39.89 -8.22 -8.05
CA MET A 465 -39.62 -6.83 -7.74
C MET A 465 -39.04 -6.20 -8.96
N ARG A 466 -39.19 -4.88 -9.10
CA ARG A 466 -38.74 -4.11 -10.23
C ARG A 466 -37.96 -2.89 -9.80
N ALA A 467 -37.05 -2.47 -10.66
CA ALA A 467 -36.49 -1.13 -10.59
C ALA A 467 -36.21 -0.63 -12.02
N ILE A 468 -36.29 0.69 -12.19
CA ILE A 468 -35.93 1.30 -13.46
C ILE A 468 -35.27 2.65 -13.17
N ARG A 469 -34.08 2.87 -13.75
CA ARG A 469 -33.32 4.11 -13.45
C ARG A 469 -32.88 4.88 -14.70
N GLN A 470 -33.03 6.18 -14.70
CA GLN A 470 -32.59 7.00 -15.81
C GLN A 470 -31.92 8.20 -15.20
N GLY A 471 -30.63 8.40 -15.49
CA GLY A 471 -29.86 9.42 -14.77
C GLY A 471 -29.79 9.07 -13.25
N ASP A 472 -30.28 9.98 -12.42
CA ASP A 472 -30.44 9.76 -11.00
C ASP A 472 -31.91 9.59 -10.56
N TRP A 473 -32.82 9.32 -11.51
CA TRP A 473 -34.23 9.11 -11.17
C TRP A 473 -34.47 7.64 -11.15
N LYS A 474 -35.07 7.12 -10.07
CA LYS A 474 -35.34 5.69 -9.96
C LYS A 474 -36.74 5.40 -9.46
N ALA A 475 -37.41 4.47 -10.14
CA ALA A 475 -38.68 3.94 -9.71
C ALA A 475 -38.49 2.50 -9.27
N VAL A 476 -39.21 2.13 -8.24
CA VAL A 476 -39.08 0.84 -7.61
C VAL A 476 -40.49 0.25 -7.48
N TYR A 477 -40.60 -1.07 -7.61
CA TYR A 477 -41.83 -1.81 -7.38
C TYR A 477 -41.60 -3.02 -6.45
N LEU A 478 -42.07 -2.94 -5.21
CA LEU A 478 -41.98 -4.08 -4.31
C LEU A 478 -43.37 -4.63 -4.04
N PRO A 479 -43.61 -5.92 -4.32
CA PRO A 479 -44.93 -6.44 -4.04
C PRO A 479 -45.18 -6.72 -2.57
N ALA A 480 -46.45 -7.03 -2.26
CA ALA A 480 -46.82 -7.53 -0.95
C ALA A 480 -46.10 -8.86 -0.74
N PRO A 481 -45.71 -9.18 0.50
CA PRO A 481 -45.86 -8.48 1.77
C PRO A 481 -44.72 -7.48 2.08
N VAL A 482 -43.78 -7.33 1.17
CA VAL A 482 -42.61 -6.52 1.47
C VAL A 482 -42.67 -5.10 0.94
N GLY A 483 -43.70 -4.73 0.18
CA GLY A 483 -43.85 -3.33 -0.20
C GLY A 483 -45.31 -3.06 -0.49
N PRO A 484 -45.62 -1.87 -0.94
CA PRO A 484 -46.98 -1.45 -1.19
C PRO A 484 -47.56 -1.94 -2.51
N ALA A 485 -46.84 -2.82 -3.21
CA ALA A 485 -47.33 -3.34 -4.46
C ALA A 485 -47.73 -2.20 -5.42
N THR A 486 -46.93 -1.14 -5.47
CA THR A 486 -47.10 -0.08 -6.45
C THR A 486 -45.73 0.58 -6.81
N TRP A 487 -45.71 1.34 -7.89
CA TRP A 487 -44.49 2.03 -8.26
C TRP A 487 -44.19 3.22 -7.33
N GLN A 488 -42.97 3.29 -6.82
CA GLN A 488 -42.57 4.43 -5.97
C GLN A 488 -41.49 5.16 -6.74
N LEU A 489 -41.37 6.46 -6.56
CA LEU A 489 -40.39 7.22 -7.32
C LEU A 489 -39.42 7.95 -6.41
N TYR A 490 -38.11 7.79 -6.70
CA TYR A 490 -37.07 8.42 -5.89
C TYR A 490 -36.07 9.28 -6.69
N ASP A 491 -35.74 10.45 -6.16
CA ASP A 491 -34.60 11.23 -6.65
C ASP A 491 -33.31 10.86 -5.90
N LEU A 492 -32.47 10.00 -6.47
CA LEU A 492 -31.26 9.44 -5.77
C LEU A 492 -30.15 10.47 -5.58
N ALA A 493 -30.21 11.58 -6.31
CA ALA A 493 -29.33 12.70 -6.05
C ALA A 493 -29.68 13.40 -4.74
N ARG A 494 -30.95 13.40 -4.35
CA ARG A 494 -31.34 14.02 -3.10
C ARG A 494 -31.67 13.01 -1.98
N ASP A 495 -32.03 11.77 -2.36
CA ASP A 495 -32.62 10.76 -1.44
C ASP A 495 -31.98 9.41 -1.70
N PRO A 496 -30.67 9.25 -1.36
CA PRO A 496 -30.10 7.94 -1.53
C PRO A 496 -30.79 6.82 -0.69
N GLY A 497 -31.48 7.19 0.40
CA GLY A 497 -32.16 6.20 1.24
C GLY A 497 -33.46 5.66 0.71
N GLU A 498 -33.92 6.22 -0.42
CA GLU A 498 -35.22 5.87 -1.05
C GLU A 498 -36.34 5.94 -0.02
N ILE A 499 -36.38 7.08 0.65
CA ILE A 499 -37.32 7.40 1.70
C ILE A 499 -38.56 8.14 1.16
N HIS A 500 -38.34 9.17 0.36
CA HIS A 500 -39.45 10.08 -0.03
C HIS A 500 -40.07 9.78 -1.39
N ASP A 501 -41.21 9.09 -1.39
CA ASP A 501 -41.87 8.68 -2.64
C ASP A 501 -42.36 9.93 -3.34
N LEU A 502 -41.94 10.14 -4.59
CA LEU A 502 -42.34 11.34 -5.38
C LEU A 502 -43.40 11.08 -6.46
N ALA A 503 -43.97 9.87 -6.48
CA ALA A 503 -44.95 9.49 -7.50
C ALA A 503 -46.11 10.49 -7.69
N ASP A 504 -46.56 11.14 -6.62
CA ASP A 504 -47.66 12.12 -6.71
C ASP A 504 -47.21 13.52 -7.09
N SER A 505 -46.03 13.93 -6.64
CA SER A 505 -45.52 15.24 -6.98
C SER A 505 -44.89 15.27 -8.38
N GLN A 506 -44.52 14.10 -8.93
CA GLN A 506 -43.80 14.06 -10.21
C GLN A 506 -44.32 12.96 -11.09
N PRO A 507 -45.62 12.99 -11.45
CA PRO A 507 -46.22 11.86 -12.17
C PRO A 507 -45.76 11.71 -13.64
N GLY A 508 -45.27 12.80 -14.22
CA GLY A 508 -44.73 12.73 -15.57
C GLY A 508 -43.43 11.96 -15.64
N LYS A 509 -42.49 12.31 -14.76
CA LYS A 509 -41.27 11.53 -14.58
C LYS A 509 -41.56 10.01 -14.39
N LEU A 510 -42.48 9.67 -13.49
CA LEU A 510 -42.81 8.24 -13.27
C LEU A 510 -43.35 7.55 -14.52
N ALA A 511 -44.21 8.22 -15.25
CA ALA A 511 -44.86 7.61 -16.42
C ALA A 511 -43.84 7.38 -17.51
N GLU A 512 -42.92 8.32 -17.58
CA GLU A 512 -41.76 8.18 -18.40
C GLU A 512 -40.94 6.96 -18.00
N LEU A 513 -40.67 6.79 -16.72
CA LEU A 513 -39.90 5.63 -16.27
C LEU A 513 -40.67 4.34 -16.53
N ILE A 514 -42.00 4.41 -16.41
CA ILE A 514 -42.79 3.21 -16.64
C ILE A 514 -42.69 2.77 -18.11
N GLU A 515 -42.68 3.71 -19.06
CA GLU A 515 -42.36 3.38 -20.43
C GLU A 515 -41.04 2.68 -20.55
N HIS A 516 -40.04 3.21 -19.85
CA HIS A 516 -38.70 2.64 -19.95
C HIS A 516 -38.67 1.24 -19.42
N TRP A 517 -39.45 0.99 -18.37
CA TRP A 517 -39.60 -0.35 -17.83
C TRP A 517 -40.16 -1.30 -18.85
N LYS A 518 -41.21 -0.91 -19.57
CA LYS A 518 -41.80 -1.84 -20.55
C LYS A 518 -40.78 -2.20 -21.66
N ARG A 519 -39.98 -1.20 -22.04
CA ARG A 519 -38.93 -1.39 -23.01
C ARG A 519 -37.99 -2.39 -22.50
N TYR A 520 -37.59 -2.26 -21.22
CA TYR A 520 -36.65 -3.23 -20.63
C TYR A 520 -37.25 -4.60 -20.63
N VAL A 521 -38.50 -4.74 -20.19
CA VAL A 521 -39.14 -6.07 -20.21
C VAL A 521 -39.04 -6.67 -21.61
N SER A 522 -39.34 -5.88 -22.64
CA SER A 522 -39.33 -6.40 -24.02
C SER A 522 -37.90 -6.56 -24.57
N ASP A 523 -36.98 -5.61 -24.37
CA ASP A 523 -35.58 -5.86 -24.75
C ASP A 523 -34.95 -7.08 -24.07
N THR A 524 -35.28 -7.41 -22.81
CA THR A 524 -34.52 -8.46 -22.09
C THR A 524 -35.24 -9.81 -21.93
N GLY A 525 -36.53 -9.85 -22.25
CA GLY A 525 -37.33 -11.04 -22.08
C GLY A 525 -37.75 -11.31 -20.66
N VAL A 526 -38.10 -10.28 -19.90
CA VAL A 526 -38.55 -10.48 -18.51
C VAL A 526 -39.95 -11.10 -18.47
N VAL A 527 -40.09 -12.22 -17.73
CA VAL A 527 -41.42 -12.81 -17.48
C VAL A 527 -42.13 -12.22 -16.25
N LYS B 3 2.96 13.71 -20.56
CA LYS B 3 3.03 13.53 -19.08
C LYS B 3 4.46 13.23 -18.63
N ARG B 4 5.21 14.27 -18.24
CA ARG B 4 6.53 14.11 -17.55
C ARG B 4 6.33 13.89 -16.04
N PRO B 5 7.08 12.94 -15.42
CA PRO B 5 6.87 12.67 -14.01
C PRO B 5 7.27 13.78 -13.06
N ASN B 6 6.61 13.79 -11.94
CA ASN B 6 7.06 14.56 -10.79
C ASN B 6 8.14 13.76 -10.09
N PHE B 7 8.81 14.38 -9.15
CA PHE B 7 9.86 13.70 -8.39
C PHE B 7 9.67 14.04 -6.94
N LEU B 8 9.80 13.05 -6.09
CA LEU B 8 9.75 13.27 -4.62
C LEU B 8 10.98 12.52 -4.10
N VAL B 9 11.96 13.31 -3.65
CA VAL B 9 13.15 12.80 -3.07
C VAL B 9 13.08 13.10 -1.57
N ILE B 10 13.08 12.02 -0.79
CA ILE B 10 13.07 12.04 0.66
C ILE B 10 14.38 11.47 1.21
N VAL B 11 14.99 12.22 2.14
CA VAL B 11 16.28 11.91 2.77
C VAL B 11 16.10 12.02 4.33
N ALA B 12 16.31 10.85 4.96
CA ALA B 12 16.47 10.70 6.41
C ALA B 12 17.94 10.99 6.79
N ASP B 13 18.14 11.49 8.00
CA ASP B 13 19.43 11.97 8.45
C ASP B 13 19.98 11.00 9.53
N ASP B 14 20.94 10.16 9.18
CA ASP B 14 21.56 9.20 10.11
C ASP B 14 20.65 7.99 10.43
N LEU B 15 19.60 7.73 9.62
CA LEU B 15 18.75 6.61 9.92
C LEU B 15 19.55 5.39 9.44
N GLY B 16 19.43 4.28 10.18
CA GLY B 16 20.20 3.06 9.93
C GLY B 16 19.55 2.10 8.94
N PHE B 17 20.38 1.24 8.38
CA PHE B 17 19.99 0.28 7.34
C PHE B 17 18.72 -0.60 7.68
N SER B 18 18.67 -1.19 8.89
CA SER B 18 17.53 -2.09 9.32
C SER B 18 16.47 -1.46 10.24
N ASP B 19 16.43 -0.13 10.30
CA ASP B 19 15.51 0.50 11.26
C ASP B 19 14.02 0.37 10.84
N ILE B 20 13.72 0.62 9.57
CA ILE B 20 12.34 0.59 9.18
C ILE B 20 11.83 -0.84 8.97
N GLY B 21 10.53 -1.03 9.15
CA GLY B 21 9.87 -2.35 9.07
C GLY B 21 10.30 -3.23 7.89
N THR B 22 10.19 -2.70 6.68
CA THR B 22 10.46 -3.47 5.45
C THR B 22 11.96 -3.65 5.17
N PHE B 23 12.81 -3.06 6.04
CA PHE B 23 14.24 -3.35 6.01
C PHE B 23 14.68 -4.15 7.26
N GLY B 24 13.73 -4.75 8.01
CA GLY B 24 14.11 -5.63 9.11
C GLY B 24 13.78 -5.09 10.50
N GLY B 25 13.13 -3.93 10.56
CA GLY B 25 13.01 -3.20 11.80
C GLY B 25 11.69 -3.40 12.53
N GLU B 26 11.74 -3.12 13.84
CA GLU B 26 10.56 -3.14 14.74
C GLU B 26 9.91 -1.77 14.91
N ILE B 27 10.53 -0.73 14.34
CA ILE B 27 9.98 0.67 14.42
C ILE B 27 8.77 0.81 13.52
N ALA B 28 7.74 1.49 13.98
CA ALA B 28 6.51 1.60 13.17
C ALA B 28 6.75 2.58 12.02
N THR B 29 6.79 2.06 10.79
CA THR B 29 6.95 2.89 9.59
C THR B 29 5.92 2.48 8.50
N PRO B 30 4.62 2.57 8.82
CA PRO B 30 3.64 2.04 7.83
C PRO B 30 3.68 2.73 6.42
N ASN B 31 3.94 4.03 6.37
CA ASN B 31 3.88 4.74 5.08
C ASN B 31 5.05 4.43 4.19
N LEU B 32 6.25 4.40 4.75
CA LEU B 32 7.37 3.95 3.95
C LEU B 32 7.26 2.46 3.58
N ASP B 33 6.69 1.65 4.47
CA ASP B 33 6.58 0.24 4.15
C ASP B 33 5.70 -0.02 2.94
N ALA B 34 4.64 0.78 2.78
CA ALA B 34 3.71 0.60 1.60
C ALA B 34 4.41 0.89 0.30
N LEU B 35 5.23 1.94 0.33
CA LEU B 35 6.03 2.38 -0.80
C LEU B 35 7.11 1.34 -1.11
N ALA B 36 7.76 0.83 -0.10
CA ALA B 36 8.85 -0.08 -0.33
C ALA B 36 8.40 -1.42 -0.85
N ILE B 37 7.34 -2.02 -0.27
CA ILE B 37 6.91 -3.37 -0.75
C ILE B 37 6.38 -3.34 -2.18
N ALA B 38 5.68 -2.28 -2.54
CA ALA B 38 5.22 -2.12 -3.96
C ALA B 38 6.35 -1.70 -4.87
N GLY B 39 7.32 -0.98 -4.33
CA GLY B 39 8.50 -0.52 -5.10
C GLY B 39 9.67 -1.51 -5.13
N LEU B 40 10.90 -0.99 -5.26
CA LEU B 40 12.08 -1.79 -5.33
C LEU B 40 12.97 -1.37 -4.19
N ARG B 41 13.33 -2.30 -3.33
CA ARG B 41 14.28 -2.01 -2.25
C ARG B 41 15.72 -2.33 -2.66
N LEU B 42 16.65 -1.46 -2.26
CA LEU B 42 18.08 -1.63 -2.61
C LEU B 42 18.92 -2.01 -1.39
N THR B 43 19.74 -3.06 -1.55
CA THR B 43 20.67 -3.55 -0.54
C THR B 43 22.15 -3.20 -0.79
N ASP B 44 22.46 -2.53 -1.90
CA ASP B 44 23.86 -2.27 -2.25
C ASP B 44 23.91 -0.84 -2.81
N PHE B 45 23.11 0.04 -2.22
CA PHE B 45 23.10 1.45 -2.48
C PHE B 45 23.95 2.23 -1.49
N HIS B 46 24.68 3.21 -2.03
CA HIS B 46 25.76 3.93 -1.28
C HIS B 46 25.73 5.45 -1.39
N THR B 47 26.15 6.08 -0.28
CA THR B 47 26.25 7.45 -0.13
C THR B 47 27.71 7.64 0.23
N ALA B 48 28.07 8.85 0.63
CA ALA B 48 29.30 9.14 1.41
C ALA B 48 29.13 8.81 2.91
N SER B 49 30.24 8.87 3.63
CA SER B 49 30.29 8.50 5.06
C SER B 49 29.78 9.57 5.95
N ALA B 50 29.39 10.71 5.40
CA ALA B 50 28.77 11.75 6.19
C ALA B 50 27.85 12.71 5.37
N DDZ B 51 27.13 13.54 6.13
CA DDZ B 51 25.93 14.31 5.69
C DDZ B 51 26.13 15.28 4.55
O DDZ B 51 25.48 15.08 3.54
OG1 DDZ B 51 25.04 14.35 8.08
OG2 DDZ B 51 24.30 16.00 6.43
CB DDZ B 51 25.37 15.13 6.88
N SER B 52 26.91 16.35 4.73
CA SER B 52 27.12 17.34 3.66
C SER B 52 27.75 16.80 2.39
N PRO B 53 28.81 15.96 2.51
CA PRO B 53 29.31 15.31 1.32
C PRO B 53 28.25 14.52 0.52
N THR B 54 27.46 13.70 1.19
CA THR B 54 26.39 12.95 0.53
C THR B 54 25.39 13.89 -0.20
N ARG B 55 24.98 14.95 0.46
CA ARG B 55 24.03 15.94 -0.12
C ARG B 55 24.57 16.66 -1.34
N SER B 56 25.84 17.04 -1.27
CA SER B 56 26.56 17.63 -2.43
C SER B 56 26.52 16.72 -3.64
N MET B 57 26.59 15.43 -3.38
CA MET B 57 26.64 14.39 -4.43
C MET B 57 25.22 14.10 -5.00
N LEU B 58 24.26 14.04 -4.11
CA LEU B 58 22.87 13.83 -4.52
C LEU B 58 22.40 14.86 -5.54
N LEU B 59 22.67 16.12 -5.24
CA LEU B 59 22.19 17.23 -6.05
C LEU B 59 23.07 17.71 -7.23
N THR B 60 24.16 16.99 -7.52
CA THR B 60 25.04 17.28 -8.68
C THR B 60 25.32 16.07 -9.58
N GLY B 61 25.32 14.85 -9.05
CA GLY B 61 25.72 13.71 -9.85
C GLY B 61 27.23 13.42 -9.90
N THR B 62 28.03 14.12 -9.13
CA THR B 62 29.44 13.82 -9.07
C THR B 62 29.91 13.79 -7.59
N ASP B 63 31.21 13.53 -7.41
CA ASP B 63 31.87 13.36 -6.12
C ASP B 63 31.98 14.65 -5.29
N HIS B 64 31.76 14.55 -3.98
CA HIS B 64 31.81 15.72 -3.09
C HIS B 64 33.12 16.56 -3.11
N HIS B 65 34.26 15.94 -3.39
CA HIS B 65 35.52 16.67 -3.49
C HIS B 65 35.46 17.67 -4.70
N ILE B 66 34.93 17.24 -5.84
CA ILE B 66 34.62 18.18 -6.94
C ILE B 66 33.59 19.27 -6.55
N ALA B 67 32.56 18.90 -5.83
CA ALA B 67 31.38 19.75 -5.60
C ALA B 67 31.55 20.87 -4.57
N GLY B 68 32.67 20.90 -3.86
CA GLY B 68 32.86 21.92 -2.84
C GLY B 68 32.86 21.47 -1.38
N ILE B 69 32.53 20.19 -1.12
CA ILE B 69 32.49 19.64 0.25
C ILE B 69 33.59 18.57 0.41
N GLY B 70 34.80 18.95 0.06
CA GLY B 70 35.94 18.04 0.16
C GLY B 70 36.17 17.55 1.58
N THR B 71 35.92 18.44 2.53
CA THR B 71 35.58 17.98 3.88
C THR B 71 34.38 18.78 4.37
N MET B 72 33.83 18.40 5.52
CA MET B 72 32.77 19.19 6.16
C MET B 72 33.23 20.63 6.45
N ALA B 73 32.37 21.64 6.22
CA ALA B 73 32.70 23.06 6.49
C ALA B 73 33.33 23.19 7.87
N GLU B 74 32.69 22.51 8.81
CA GLU B 74 32.97 22.58 10.23
C GLU B 74 34.36 22.02 10.61
N ALA B 75 35.03 21.38 9.65
CA ALA B 75 36.34 20.79 9.83
C ALA B 75 37.32 21.21 8.72
N LEU B 76 37.31 22.49 8.32
CA LEU B 76 38.18 23.02 7.23
C LEU B 76 39.57 23.55 7.67
N GLY B 85 38.15 22.02 -4.70
CA GLY B 85 36.79 22.25 -4.22
C GLY B 85 36.58 21.93 -2.74
N TYR B 86 37.31 22.64 -1.89
CA TYR B 86 37.15 22.56 -0.43
C TYR B 86 36.56 23.87 0.13
N GLU B 87 35.63 24.49 -0.61
CA GLU B 87 35.00 25.77 -0.16
C GLU B 87 34.11 25.67 1.11
N GLY B 88 33.53 24.50 1.41
CA GLY B 88 32.62 24.36 2.57
C GLY B 88 31.14 24.56 2.26
N HIS B 89 30.84 24.81 0.98
CA HIS B 89 29.49 24.90 0.44
C HIS B 89 29.46 24.38 -0.99
N LEU B 90 28.28 24.22 -1.56
CA LEU B 90 28.18 23.83 -2.98
C LEU B 90 28.81 24.98 -3.78
N ASN B 91 29.72 24.66 -4.67
CA ASN B 91 30.54 25.70 -5.30
C ASN B 91 30.05 26.00 -6.73
N GLU B 92 30.73 26.89 -7.44
CA GLU B 92 30.32 27.23 -8.82
C GLU B 92 30.97 26.37 -9.93
N ARG B 93 31.71 25.34 -9.53
CA ARG B 93 32.26 24.33 -10.47
C ARG B 93 31.22 23.23 -10.81
N VAL B 94 30.03 23.34 -10.23
CA VAL B 94 28.93 22.39 -10.46
C VAL B 94 27.61 23.11 -10.65
N VAL B 95 26.76 22.50 -11.45
CA VAL B 95 25.37 22.86 -11.49
C VAL B 95 24.50 21.83 -10.75
N ALA B 96 23.48 22.34 -10.07
CA ALA B 96 22.61 21.53 -9.23
C ALA B 96 21.29 21.11 -9.91
N LEU B 97 20.90 19.85 -9.73
CA LEU B 97 19.63 19.29 -10.23
C LEU B 97 18.43 20.25 -10.24
N PRO B 98 18.09 20.87 -9.09
CA PRO B 98 16.96 21.78 -9.17
C PRO B 98 17.11 23.01 -10.15
N GLU B 99 18.33 23.55 -10.26
CA GLU B 99 18.65 24.60 -11.26
C GLU B 99 18.35 24.05 -12.65
N LEU B 100 18.79 22.84 -12.95
CA LEU B 100 18.48 22.23 -14.25
C LEU B 100 16.96 22.01 -14.55
N LEU B 101 16.25 21.42 -13.59
CA LEU B 101 14.81 21.23 -13.72
C LEU B 101 14.01 22.56 -13.78
N ARG B 102 14.36 23.53 -12.93
CA ARG B 102 13.62 24.79 -12.97
C ARG B 102 13.67 25.44 -14.36
N GLU B 103 14.78 25.30 -15.09
CA GLU B 103 14.88 25.92 -16.41
C GLU B 103 14.07 25.17 -17.50
N ALA B 104 13.71 23.92 -17.18
CA ALA B 104 12.88 23.04 -18.02
C ALA B 104 11.44 22.96 -17.60
N GLY B 105 10.97 23.93 -16.81
CA GLY B 105 9.54 24.05 -16.48
C GLY B 105 9.03 23.44 -15.16
N TYR B 106 9.91 22.72 -14.44
CA TYR B 106 9.59 22.13 -13.12
C TYR B 106 9.52 23.18 -12.09
N GLN B 107 8.55 23.06 -11.20
CA GLN B 107 8.49 23.90 -9.99
C GLN B 107 9.38 23.16 -8.98
N THR B 108 10.26 23.88 -8.31
CA THR B 108 11.26 23.27 -7.40
C THR B 108 10.91 23.64 -5.97
N LEU B 109 10.66 22.62 -5.12
CA LEU B 109 10.12 22.82 -3.78
C LEU B 109 10.95 22.00 -2.77
N MET B 110 11.26 22.59 -1.60
CA MET B 110 12.02 21.93 -0.53
C MET B 110 11.55 22.41 0.84
N ALA B 111 11.43 21.47 1.79
CA ALA B 111 11.39 21.81 3.18
C ALA B 111 12.30 20.78 3.87
N GLY B 112 13.22 21.26 4.69
CA GLY B 112 14.19 20.34 5.34
C GLY B 112 15.55 20.93 5.66
N LYS B 113 16.45 20.05 6.05
CA LYS B 113 17.83 20.37 6.29
C LYS B 113 18.55 20.55 4.97
N TRP B 114 19.36 21.61 4.89
CA TRP B 114 20.13 21.96 3.74
C TRP B 114 21.56 21.44 3.78
N HIS B 115 22.32 21.99 4.74
CA HIS B 115 23.69 21.65 5.04
C HIS B 115 24.64 21.86 3.86
N LEU B 116 24.32 22.81 2.98
CA LEU B 116 25.22 23.08 1.84
C LEU B 116 25.60 24.58 1.76
N GLY B 117 25.55 25.27 2.91
CA GLY B 117 25.89 26.69 2.98
C GLY B 117 24.99 27.46 3.87
N LEU B 118 25.55 28.51 4.44
CA LEU B 118 24.83 29.36 5.39
C LEU B 118 24.53 30.74 4.80
N LYS B 119 25.29 31.20 3.79
CA LYS B 119 25.16 32.59 3.31
C LYS B 119 24.13 32.69 2.16
N PRO B 120 23.53 33.87 1.99
CA PRO B 120 22.50 34.16 0.93
C PRO B 120 22.80 33.53 -0.43
N GLU B 121 24.01 33.72 -0.89
CA GLU B 121 24.39 33.25 -2.20
C GLU B 121 24.53 31.70 -2.21
N GLN B 122 24.26 31.06 -1.08
CA GLN B 122 24.48 29.61 -0.97
C GLN B 122 23.24 28.80 -0.59
N THR B 123 22.15 29.49 -0.23
CA THR B 123 20.88 28.91 0.20
C THR B 123 20.15 28.15 -0.92
N PRO B 124 19.08 27.42 -0.59
CA PRO B 124 18.30 26.76 -1.65
C PRO B 124 17.76 27.77 -2.68
N HIS B 125 17.29 28.91 -2.18
CA HIS B 125 16.77 29.99 -2.99
C HIS B 125 17.78 30.58 -3.95
N ALA B 126 19.06 30.48 -3.63
CA ALA B 126 20.15 30.85 -4.58
C ALA B 126 20.53 29.72 -5.49
N ARG B 127 20.22 28.48 -5.10
CA ARG B 127 20.68 27.33 -5.86
C ARG B 127 19.51 26.53 -6.51
N GLY B 128 18.42 27.23 -6.87
CA GLY B 128 17.45 26.62 -7.78
C GLY B 128 16.06 26.32 -7.28
N PHE B 129 15.73 26.72 -6.04
CA PHE B 129 14.44 26.37 -5.46
C PHE B 129 13.53 27.60 -5.39
N GLU B 130 12.38 27.55 -6.06
CA GLU B 130 11.43 28.65 -6.01
C GLU B 130 10.76 28.81 -4.67
N ARG B 131 10.44 27.70 -4.00
CA ARG B 131 10.02 27.78 -2.60
C ARG B 131 10.88 26.87 -1.67
N SER B 132 11.30 27.38 -0.53
CA SER B 132 12.13 26.57 0.40
C SER B 132 11.95 27.03 1.79
N PHE B 133 11.85 26.06 2.71
CA PHE B 133 11.87 26.28 4.14
C PHE B 133 13.03 25.39 4.63
N ALA B 134 14.13 25.98 5.10
CA ALA B 134 15.31 25.17 5.38
C ALA B 134 16.04 25.56 6.66
N LEU B 135 16.49 24.52 7.37
CA LEU B 135 17.54 24.56 8.40
C LEU B 135 18.87 24.59 7.68
N LEU B 136 19.67 25.61 7.86
CA LEU B 136 20.93 25.69 7.08
C LEU B 136 22.07 24.87 7.66
N PRO B 137 22.32 24.95 8.97
CA PRO B 137 23.45 24.12 9.48
C PRO B 137 23.18 22.59 9.45
N GLY B 138 24.18 21.84 9.89
CA GLY B 138 24.16 20.36 9.94
C GLY B 138 23.28 19.71 10.97
N ALA B 139 22.93 20.48 12.00
CA ALA B 139 22.02 20.01 13.00
C ALA B 139 21.54 21.18 13.80
N ALA B 140 20.49 20.92 14.55
CA ALA B 140 19.95 21.91 15.47
C ALA B 140 18.96 21.23 16.36
N ASN B 141 18.58 21.91 17.45
CA ASN B 141 17.52 21.47 18.39
C ASN B 141 16.15 21.39 17.66
N HIS B 142 15.55 20.23 17.74
CA HIS B 142 14.29 19.95 17.02
C HIS B 142 13.11 20.81 17.42
N TYR B 143 13.19 21.46 18.58
CA TYR B 143 12.13 22.30 19.06
C TYR B 143 12.51 23.80 19.03
N GLY B 144 13.72 24.13 18.56
CA GLY B 144 14.22 25.51 18.55
C GLY B 144 14.67 26.06 19.89
N PHE B 145 14.86 25.20 20.90
CA PHE B 145 15.37 25.60 22.23
C PHE B 145 16.85 25.77 22.12
N GLU B 146 17.32 26.91 22.56
CA GLU B 146 18.69 27.33 22.20
C GLU B 146 19.40 27.51 23.51
N PRO B 147 20.64 27.01 23.63
CA PRO B 147 21.45 27.40 24.78
C PRO B 147 21.97 28.84 24.63
N PRO B 148 22.54 29.40 25.70
CA PRO B 148 23.24 30.66 25.49
C PRO B 148 24.47 30.51 24.60
N TYR B 149 24.67 31.53 23.77
CA TYR B 149 25.74 31.54 22.82
C TYR B 149 26.77 32.61 23.20
N ASP B 150 27.93 32.17 23.66
CA ASP B 150 29.04 33.04 24.00
C ASP B 150 30.33 32.23 24.07
N GLU B 151 31.41 32.86 24.48
CA GLU B 151 32.69 32.19 24.62
C GLU B 151 32.65 30.92 25.51
N SER B 152 31.68 30.80 26.41
CA SER B 152 31.58 29.59 27.23
C SER B 152 30.86 28.41 26.54
N THR B 153 30.26 28.66 25.37
CA THR B 153 29.52 27.59 24.69
C THR B 153 30.37 26.55 23.91
N PRO B 154 30.13 25.20 24.12
CA PRO B 154 30.82 24.17 23.32
C PRO B 154 30.75 24.40 21.83
N ARG B 155 31.87 24.18 21.16
CA ARG B 155 31.93 24.40 19.73
C ARG B 155 30.82 23.67 18.95
N ILE B 156 30.53 22.42 19.32
CA ILE B 156 29.48 21.66 18.62
C ILE B 156 28.07 22.36 18.67
N LEU B 157 27.75 22.96 19.83
CA LEU B 157 26.52 23.71 19.95
C LEU B 157 26.60 25.02 19.16
N LYS B 158 27.77 25.66 19.12
CA LYS B 158 27.89 26.93 18.41
C LYS B 158 27.72 26.72 16.93
N GLY B 159 28.18 25.58 16.46
CA GLY B 159 27.96 25.20 15.08
C GLY B 159 26.58 24.71 14.70
N THR B 160 25.61 24.64 15.63
CA THR B 160 24.29 24.07 15.29
C THR B 160 23.13 24.92 15.78
N PRO B 161 23.18 26.25 15.50
CA PRO B 161 21.99 27.01 15.94
C PRO B 161 20.82 26.63 15.05
N ALA B 162 19.60 26.86 15.53
CA ALA B 162 18.39 26.72 14.77
C ALA B 162 18.25 27.87 13.76
N LEU B 163 19.04 27.85 12.70
CA LEU B 163 19.12 28.94 11.71
C LEU B 163 18.37 28.50 10.51
N TYR B 164 17.17 29.03 10.41
CA TYR B 164 16.26 28.73 9.34
C TYR B 164 16.09 29.87 8.35
N VAL B 165 15.79 29.51 7.13
CA VAL B 165 15.41 30.49 6.12
C VAL B 165 14.12 30.03 5.40
N GLU B 166 13.25 30.96 5.04
CA GLU B 166 12.20 30.70 4.03
C GLU B 166 12.42 31.66 2.88
N ASP B 167 12.82 31.08 1.75
CA ASP B 167 13.19 31.78 0.53
C ASP B 167 14.40 32.69 0.81
N GLU B 168 14.28 34.03 0.76
CA GLU B 168 15.41 34.91 1.08
C GLU B 168 15.28 35.50 2.46
N ARG B 169 14.19 35.21 3.16
CA ARG B 169 13.99 35.77 4.49
C ARG B 169 14.55 34.85 5.63
N TYR B 170 15.67 35.25 6.24
CA TYR B 170 16.15 34.62 7.48
C TYR B 170 15.15 34.88 8.60
N LEU B 171 14.68 33.82 9.26
CA LEU B 171 13.57 33.94 10.21
C LEU B 171 14.08 34.33 11.55
N ASP B 172 13.50 35.33 12.18
CA ASP B 172 13.91 35.69 13.54
C ASP B 172 13.02 35.05 14.60
N THR B 173 11.96 34.38 14.17
CA THR B 173 11.07 33.67 15.05
C THR B 173 10.68 32.33 14.40
N LEU B 174 10.44 31.30 15.23
CA LEU B 174 9.78 30.08 14.81
C LEU B 174 8.38 30.14 15.41
N PRO B 175 7.38 29.59 14.69
CA PRO B 175 6.01 29.42 15.18
C PRO B 175 5.89 28.57 16.47
N GLU B 176 4.77 28.67 17.20
CA GLU B 176 4.58 27.88 18.45
C GLU B 176 4.41 26.45 18.04
N GLY B 177 4.75 25.53 18.92
CA GLY B 177 4.63 24.11 18.63
C GLY B 177 5.61 23.59 17.59
N PHE B 178 6.67 24.36 17.28
CA PHE B 178 7.63 23.94 16.24
C PHE B 178 8.27 22.65 16.73
N TYR B 179 8.14 21.63 15.88
CA TYR B 179 8.93 20.39 15.90
C TYR B 179 9.43 20.09 14.48
N SER B 180 10.73 19.96 14.28
CA SER B 180 11.32 19.94 12.94
C SER B 180 10.62 19.08 11.89
N SER B 181 10.48 17.77 12.15
CA SER B 181 9.80 16.90 11.21
C SER B 181 8.34 17.32 10.91
N ASP B 182 7.58 17.81 11.89
CA ASP B 182 6.19 18.22 11.63
C ASP B 182 6.20 19.52 10.78
N ALA B 183 7.10 20.45 11.09
CA ALA B 183 7.23 21.70 10.30
C ALA B 183 7.60 21.43 8.85
N PHE B 184 8.45 20.41 8.60
CA PHE B 184 8.87 20.15 7.23
C PHE B 184 7.69 19.52 6.49
N GLY B 185 6.91 18.71 7.19
CA GLY B 185 5.74 18.08 6.55
C GLY B 185 4.72 19.15 6.18
N ASP B 186 4.47 20.04 7.14
CA ASP B 186 3.56 21.19 7.03
C ASP B 186 3.92 22.08 5.82
N LYS B 187 5.19 22.49 5.74
CA LYS B 187 5.62 23.40 4.66
C LYS B 187 5.63 22.77 3.30
N LEU B 188 6.08 21.52 3.17
CA LEU B 188 6.09 20.93 1.89
C LEU B 188 4.62 20.73 1.40
N LEU B 189 3.71 20.51 2.31
CA LEU B 189 2.32 20.22 1.95
C LEU B 189 1.75 21.53 1.45
N GLN B 190 2.05 22.60 2.19
CA GLN B 190 1.60 23.92 1.82
C GLN B 190 2.01 24.25 0.38
N TYR B 191 3.29 24.06 0.07
CA TYR B 191 3.83 24.33 -1.25
C TYR B 191 3.16 23.47 -2.30
N LEU B 192 2.88 22.22 -2.00
CA LEU B 192 2.24 21.33 -2.95
C LEU B 192 0.83 21.79 -3.18
N LYS B 193 0.16 22.28 -2.13
CA LYS B 193 -1.24 22.66 -2.28
C LYS B 193 -1.32 23.97 -3.00
N GLU B 194 -0.28 24.79 -2.88
CA GLU B 194 -0.18 26.08 -3.59
C GLU B 194 0.38 25.97 -5.00
N ARG B 195 0.67 24.78 -5.47
CA ARG B 195 1.42 24.62 -6.68
C ARG B 195 0.57 24.98 -7.89
N ASP B 196 1.25 25.11 -9.01
CA ASP B 196 0.59 25.23 -10.28
C ASP B 196 0.32 23.81 -10.70
N GLN B 197 -0.96 23.41 -10.62
CA GLN B 197 -1.39 22.00 -10.87
C GLN B 197 -1.24 21.46 -12.29
N SER B 198 -0.83 22.31 -13.24
CA SER B 198 -0.68 21.88 -14.64
C SER B 198 0.76 21.89 -15.10
N ARG B 199 1.71 21.92 -14.15
CA ARG B 199 3.15 21.75 -14.43
C ARG B 199 3.73 20.77 -13.41
N PRO B 200 4.81 20.05 -13.78
CA PRO B 200 5.33 19.04 -12.86
C PRO B 200 6.16 19.64 -11.74
N PHE B 201 6.45 18.85 -10.70
CA PHE B 201 7.25 19.35 -9.55
C PHE B 201 8.45 18.45 -9.23
N PHE B 202 9.41 19.07 -8.52
CA PHE B 202 10.60 18.46 -7.92
C PHE B 202 10.47 18.88 -6.46
N ALA B 203 10.10 17.90 -5.62
CA ALA B 203 9.88 18.07 -4.17
C ALA B 203 11.05 17.33 -3.48
N TYR B 204 11.76 18.07 -2.64
CA TYR B 204 12.96 17.60 -1.95
C TYR B 204 12.61 17.66 -0.47
N LEU B 205 12.67 16.52 0.22
CA LEU B 205 12.22 16.45 1.63
C LEU B 205 13.30 15.86 2.53
N PRO B 206 14.35 16.66 2.88
CA PRO B 206 15.48 16.20 3.73
C PRO B 206 15.18 16.45 5.19
N PHE B 207 14.71 15.42 5.87
CA PHE B 207 14.53 15.53 7.31
C PHE B 207 15.87 15.75 8.07
N SER B 208 15.80 16.36 9.24
CA SER B 208 16.90 16.30 10.21
C SER B 208 16.69 15.12 11.25
N ALA B 209 15.57 14.42 11.24
CA ALA B 209 15.40 13.17 12.07
C ALA B 209 15.97 11.99 11.34
N PRO B 210 16.51 10.97 12.07
CA PRO B 210 16.64 10.85 13.52
C PRO B 210 18.04 11.30 14.07
N HIS B 211 18.47 12.52 13.70
CA HIS B 211 19.79 13.03 14.02
C HIS B 211 19.73 13.62 15.43
N TRP B 212 20.83 13.52 16.14
CA TRP B 212 20.93 14.06 17.48
C TRP B 212 20.69 15.59 17.51
N PRO B 213 20.28 16.15 18.67
CA PRO B 213 19.85 15.57 19.93
C PRO B 213 18.54 14.81 19.74
N LEU B 214 18.33 13.70 20.46
CA LEU B 214 17.24 12.81 20.12
C LEU B 214 16.02 13.32 20.84
N GLN B 215 14.98 13.62 20.13
CA GLN B 215 13.89 14.43 20.70
C GLN B 215 12.68 14.17 19.84
N ALA B 216 11.56 13.95 20.49
CA ALA B 216 10.31 13.50 19.85
C ALA B 216 9.16 13.73 20.83
N PRO B 217 7.93 13.86 20.31
CA PRO B 217 6.78 14.03 21.22
C PRO B 217 6.58 12.83 22.16
N ARG B 218 6.34 13.10 23.43
CA ARG B 218 6.20 12.08 24.42
C ARG B 218 5.12 11.07 24.02
N GLU B 219 4.01 11.51 23.41
CA GLU B 219 2.94 10.55 23.04
C GLU B 219 3.41 9.40 22.08
N ILE B 220 4.43 9.66 21.27
CA ILE B 220 5.02 8.65 20.37
C ILE B 220 6.09 7.87 21.13
N VAL B 221 6.92 8.58 21.92
CA VAL B 221 7.93 7.88 22.72
C VAL B 221 7.29 6.80 23.61
N GLU B 222 6.16 7.17 24.22
CA GLU B 222 5.44 6.31 25.12
C GLU B 222 5.02 4.98 24.46
N LYS B 223 4.84 4.95 23.13
CA LYS B 223 4.56 3.68 22.38
C LYS B 223 5.68 2.63 22.44
N TYR B 224 6.90 3.06 22.74
CA TYR B 224 8.06 2.21 22.75
C TYR B 224 8.56 1.92 24.20
N ARG B 225 7.79 2.32 25.22
CA ARG B 225 8.21 2.14 26.64
C ARG B 225 8.51 0.65 26.88
N GLY B 226 9.72 0.33 27.28
CA GLY B 226 10.13 -1.04 27.59
C GLY B 226 10.64 -1.81 26.38
N ARG B 227 10.38 -1.34 25.16
CA ARG B 227 10.76 -2.08 23.96
C ARG B 227 12.25 -2.44 23.84
N TYR B 228 13.13 -1.66 24.49
CA TYR B 228 14.55 -1.72 24.30
C TYR B 228 15.26 -2.12 25.59
N ASP B 229 14.48 -2.61 26.56
CA ASP B 229 15.06 -3.06 27.83
C ASP B 229 16.07 -4.17 27.74
N ALA B 230 16.05 -5.02 26.69
CA ALA B 230 17.12 -6.06 26.49
C ALA B 230 18.45 -5.51 25.88
N GLY B 231 18.49 -4.24 25.44
CA GLY B 231 19.77 -3.65 25.05
C GLY B 231 20.16 -3.75 23.58
N PRO B 232 21.35 -3.27 23.24
CA PRO B 232 21.68 -3.14 21.81
C PRO B 232 22.20 -4.40 21.09
N GLU B 233 22.74 -5.36 21.82
CA GLU B 233 23.16 -6.63 21.23
C GLU B 233 21.98 -7.57 21.01
N ALA B 234 21.08 -7.61 21.97
CA ALA B 234 19.80 -8.27 21.83
C ALA B 234 19.07 -7.75 20.60
N LEU B 235 19.03 -6.40 20.47
CA LEU B 235 18.48 -5.74 19.25
C LEU B 235 19.21 -6.15 17.96
N ARG B 236 20.51 -6.04 17.93
CA ARG B 236 21.29 -6.50 16.75
C ARG B 236 20.93 -7.94 16.36
N GLN B 237 20.79 -8.85 17.32
CA GLN B 237 20.41 -10.26 16.98
C GLN B 237 19.00 -10.34 16.38
N GLU B 238 18.06 -9.56 16.91
CA GLU B 238 16.74 -9.51 16.29
C GLU B 238 16.81 -9.01 14.86
N ARG B 239 17.56 -7.93 14.65
CA ARG B 239 17.63 -7.29 13.34
C ARG B 239 18.28 -8.23 12.31
N LEU B 240 19.34 -8.96 12.72
CA LEU B 240 20.01 -9.83 11.78
C LEU B 240 19.09 -11.00 11.39
N ALA B 241 18.32 -11.50 12.33
CA ALA B 241 17.40 -12.63 12.04
C ALA B 241 16.40 -12.19 11.01
N ARG B 242 15.87 -11.02 11.21
CA ARG B 242 14.81 -10.47 10.32
C ARG B 242 15.30 -10.09 8.91
N LEU B 243 16.46 -9.46 8.83
CA LEU B 243 17.17 -9.23 7.53
C LEU B 243 17.24 -10.51 6.72
N LYS B 244 17.62 -11.60 7.39
CA LYS B 244 17.77 -12.92 6.74
C LYS B 244 16.43 -13.52 6.31
N GLU B 245 15.48 -13.45 7.21
CA GLU B 245 14.13 -13.87 6.98
C GLU B 245 13.51 -13.12 5.80
N LEU B 246 13.79 -11.83 5.65
CA LEU B 246 13.23 -11.04 4.54
C LEU B 246 14.02 -11.14 3.25
N GLY B 247 15.19 -11.76 3.28
CA GLY B 247 16.03 -11.89 2.09
C GLY B 247 16.89 -10.67 1.78
N LEU B 248 16.98 -9.70 2.69
CA LEU B 248 17.84 -8.53 2.54
C LEU B 248 19.33 -8.86 2.62
N VAL B 249 19.68 -9.90 3.37
CA VAL B 249 21.05 -10.35 3.51
C VAL B 249 21.06 -11.89 3.39
N GLU B 250 22.13 -12.45 2.83
CA GLU B 250 22.30 -13.94 2.66
C GLU B 250 22.25 -14.68 4.01
N ALA B 251 21.63 -15.84 3.99
CA ALA B 251 21.25 -16.55 5.18
C ALA B 251 22.47 -16.89 6.04
N ASP B 252 23.62 -17.05 5.42
CA ASP B 252 24.79 -17.40 6.20
C ASP B 252 25.81 -16.28 6.30
N VAL B 253 25.42 -15.03 6.08
CA VAL B 253 26.39 -13.92 6.19
C VAL B 253 26.97 -13.83 7.64
N GLU B 254 28.28 -13.59 7.74
CA GLU B 254 29.00 -13.43 8.99
C GLU B 254 29.04 -11.97 9.33
N ALA B 255 28.40 -11.56 10.41
CA ALA B 255 28.32 -10.13 10.77
C ALA B 255 29.64 -9.67 11.31
N HIS B 256 30.05 -8.46 10.99
CA HIS B 256 31.25 -7.95 11.65
C HIS B 256 31.04 -7.81 13.17
N PRO B 257 32.09 -8.15 13.96
CA PRO B 257 32.04 -7.96 15.42
C PRO B 257 31.85 -6.48 15.86
N VAL B 258 31.22 -6.32 17.00
CA VAL B 258 30.88 -5.01 17.51
C VAL B 258 32.11 -4.43 18.18
N LEU B 259 32.47 -3.20 17.81
CA LEU B 259 33.62 -2.53 18.36
C LEU B 259 33.19 -1.27 19.01
N ALA B 260 33.49 -1.15 20.31
CA ALA B 260 33.10 0.05 21.06
C ALA B 260 33.97 0.13 22.28
N LEU B 261 34.25 1.34 22.73
CA LEU B 261 35.04 1.54 23.92
C LEU B 261 34.17 1.77 25.16
N THR B 262 32.86 1.83 24.98
CA THR B 262 31.96 1.90 26.09
C THR B 262 31.76 0.53 26.78
N ARG B 263 31.13 0.56 27.95
CA ARG B 263 30.77 -0.68 28.62
C ARG B 263 29.61 -1.34 27.91
N GLU B 264 29.65 -2.68 27.87
CA GLU B 264 28.60 -3.50 27.24
C GLU B 264 27.42 -3.43 28.13
N TRP B 265 26.24 -3.70 27.55
CA TRP B 265 24.91 -3.55 28.25
C TRP B 265 24.90 -4.16 29.69
N GLU B 266 25.39 -5.41 29.79
CA GLU B 266 25.26 -6.17 31.09
C GLU B 266 26.21 -5.70 32.20
N ALA B 267 27.27 -5.00 31.83
CA ALA B 267 28.17 -4.32 32.78
C ALA B 267 27.64 -2.99 33.31
N LEU B 268 26.52 -2.52 32.75
CA LEU B 268 25.98 -1.22 33.11
C LEU B 268 25.12 -1.29 34.35
N GLU B 269 25.17 -0.21 35.13
CA GLU B 269 24.28 -0.09 36.28
C GLU B 269 22.85 0.17 35.77
N ASP B 270 21.89 -0.24 36.57
CA ASP B 270 20.48 -0.01 36.34
C ASP B 270 20.06 1.37 35.81
N GLU B 271 20.52 2.41 36.47
CA GLU B 271 20.16 3.79 36.08
C GLU B 271 20.69 4.13 34.68
N GLU B 272 21.90 3.62 34.35
CA GLU B 272 22.53 3.91 33.09
C GLU B 272 21.79 3.23 31.99
N ARG B 273 21.37 1.99 32.25
CA ARG B 273 20.60 1.26 31.30
C ARG B 273 19.27 1.92 31.01
N ALA B 274 18.56 2.32 32.07
CA ALA B 274 17.28 2.93 31.89
C ALA B 274 17.37 4.17 30.94
N LYS B 275 18.40 4.98 31.14
CA LYS B 275 18.61 6.18 30.29
C LYS B 275 19.00 5.85 28.88
N SER B 276 19.82 4.78 28.71
CA SER B 276 20.31 4.46 27.37
C SER B 276 19.11 3.86 26.61
N ALA B 277 18.31 3.01 27.28
CA ALA B 277 17.14 2.45 26.63
C ALA B 277 16.17 3.55 26.27
N ARG B 278 15.97 4.54 27.16
CA ARG B 278 15.03 5.64 26.89
C ARG B 278 15.47 6.40 25.66
N ALA B 279 16.77 6.55 25.49
CA ALA B 279 17.28 7.21 24.27
C ALA B 279 16.89 6.48 22.98
N MET B 280 16.94 5.16 23.03
CA MET B 280 16.58 4.39 21.83
C MET B 280 15.07 4.45 21.67
N GLU B 281 14.26 4.48 22.75
CA GLU B 281 12.81 4.69 22.63
C GLU B 281 12.52 6.03 21.88
N VAL B 282 13.28 7.06 22.26
CA VAL B 282 13.12 8.43 21.63
C VAL B 282 13.49 8.36 20.14
N TYR B 283 14.61 7.69 19.85
CA TYR B 283 15.02 7.48 18.47
C TYR B 283 13.97 6.84 17.63
N ALA B 284 13.37 5.77 18.14
CA ALA B 284 12.30 5.05 17.43
C ALA B 284 11.11 5.98 17.13
N ALA B 285 10.66 6.75 18.12
CA ALA B 285 9.59 7.76 17.97
C ALA B 285 9.94 8.82 16.90
N MET B 286 11.22 9.24 16.86
CA MET B 286 11.68 10.16 15.78
C MET B 286 11.40 9.53 14.42
N VAL B 287 11.70 8.24 14.30
CA VAL B 287 11.60 7.61 12.99
C VAL B 287 10.10 7.43 12.68
N GLU B 288 9.32 6.95 13.66
CA GLU B 288 7.85 6.79 13.43
C GLU B 288 7.23 8.12 13.03
N ARG B 289 7.61 9.16 13.74
CA ARG B 289 7.06 10.49 13.50
C ARG B 289 7.48 11.06 12.14
N MET B 290 8.73 10.80 11.73
CA MET B 290 9.15 11.15 10.39
C MET B 290 8.23 10.44 9.37
N ASP B 291 8.04 9.15 9.59
CA ASP B 291 7.24 8.36 8.72
C ASP B 291 5.82 8.88 8.65
N TRP B 292 5.33 9.40 9.76
CA TRP B 292 4.00 9.98 9.81
C TRP B 292 3.82 11.22 8.92
N ASN B 293 4.82 12.11 8.98
CA ASN B 293 4.88 13.27 8.07
C ASN B 293 5.03 12.91 6.57
N ILE B 294 5.78 11.87 6.30
CA ILE B 294 5.89 11.34 4.96
C ILE B 294 4.52 10.86 4.43
N GLY B 295 3.77 10.23 5.28
CA GLY B 295 2.43 9.81 4.93
C GLY B 295 1.50 10.96 4.62
N ARG B 296 1.57 12.05 5.40
CA ARG B 296 0.75 13.22 5.14
C ARG B 296 0.96 13.73 3.68
N VAL B 297 2.21 13.78 3.27
CA VAL B 297 2.62 14.25 1.93
C VAL B 297 2.26 13.26 0.84
N VAL B 298 2.50 11.99 1.10
CA VAL B 298 2.21 10.96 0.12
C VAL B 298 0.68 10.85 -0.08
N ASP B 299 -0.05 10.99 1.03
CA ASP B 299 -1.49 10.78 1.01
C ASP B 299 -2.18 11.91 0.26
N TYR B 300 -1.63 13.12 0.41
CA TYR B 300 -2.11 14.25 -0.32
C TYR B 300 -1.86 14.05 -1.82
N LEU B 301 -0.63 13.63 -2.19
CA LEU B 301 -0.31 13.36 -3.60
C LEU B 301 -1.26 12.28 -4.18
N ARG B 302 -1.55 11.27 -3.36
CA ARG B 302 -2.42 10.17 -3.76
C ARG B 302 -3.84 10.62 -4.06
N ARG B 303 -4.47 11.32 -3.13
CA ARG B 303 -5.80 11.86 -3.33
C ARG B 303 -5.88 12.86 -4.48
N GLN B 304 -4.78 13.55 -4.77
CA GLN B 304 -4.71 14.44 -5.93
C GLN B 304 -4.63 13.73 -7.26
N GLY B 305 -4.48 12.42 -7.26
CA GLY B 305 -4.27 11.67 -8.47
C GLY B 305 -2.90 11.80 -9.08
N GLU B 306 -1.89 12.12 -8.27
CA GLU B 306 -0.54 12.41 -8.77
C GLU B 306 0.48 11.37 -8.42
N LEU B 307 0.23 10.50 -7.45
CA LEU B 307 1.34 9.66 -6.92
C LEU B 307 1.91 8.71 -7.96
N ASP B 308 1.06 8.12 -8.78
CA ASP B 308 1.48 7.13 -9.76
C ASP B 308 2.33 7.77 -10.89
N ASN B 309 2.24 9.07 -11.13
CA ASN B 309 3.20 9.72 -12.07
C ASN B 309 4.24 10.54 -11.27
N THR B 310 4.50 10.14 -10.00
CA THR B 310 5.60 10.65 -9.16
C THR B 310 6.65 9.52 -8.95
N PHE B 311 7.91 9.78 -9.35
CA PHE B 311 9.04 8.92 -9.01
C PHE B 311 9.45 9.27 -7.56
N VAL B 312 9.29 8.30 -6.64
CA VAL B 312 9.57 8.55 -5.20
C VAL B 312 10.87 7.83 -4.87
N LEU B 313 11.83 8.60 -4.40
CA LEU B 313 13.02 8.04 -3.80
C LEU B 313 13.10 8.40 -2.32
N PHE B 314 13.30 7.37 -1.50
CA PHE B 314 13.66 7.52 -0.09
C PHE B 314 15.04 6.90 0.14
N MET B 315 15.83 7.57 0.97
CA MET B 315 17.16 7.09 1.38
C MET B 315 17.57 7.73 2.70
N SER B 316 18.53 7.11 3.38
CA SER B 316 19.24 7.81 4.43
C SER B 316 20.42 8.45 3.71
N ASP B 317 21.12 9.36 4.38
CA ASP B 317 22.30 10.08 3.87
C ASP B 317 23.72 9.51 4.28
N ASN B 318 23.73 8.56 5.23
CA ASN B 318 24.95 7.95 5.71
C ASN B 318 24.56 6.84 6.70
N GLY B 319 25.55 6.14 7.24
CA GLY B 319 25.27 5.02 8.16
C GLY B 319 24.75 5.59 9.45
N ALA B 320 24.15 4.73 10.27
CA ALA B 320 23.74 5.17 11.60
C ALA B 320 24.91 5.77 12.44
N GLU B 321 24.52 6.68 13.31
CA GLU B 321 25.45 7.55 14.02
C GLU B 321 25.93 6.92 15.34
N GLY B 322 27.07 6.24 15.26
CA GLY B 322 27.72 5.73 16.46
C GLY B 322 28.56 6.66 17.31
N ALA B 323 28.61 7.96 17.00
CA ALA B 323 29.56 8.89 17.72
C ALA B 323 29.27 9.12 19.19
N LEU B 324 30.36 9.34 19.90
CA LEU B 324 30.33 9.84 21.28
C LEU B 324 30.79 11.28 21.17
N LEU B 325 29.83 12.20 21.31
CA LEU B 325 30.10 13.61 21.13
C LEU B 325 31.04 14.11 22.23
N GLU B 326 31.01 13.47 23.40
CA GLU B 326 31.94 13.79 24.48
C GLU B 326 33.42 13.33 24.25
N ALA B 327 33.69 12.58 23.18
CA ALA B 327 35.03 12.09 22.84
C ALA B 327 35.83 13.03 21.87
N PHE B 328 35.14 14.01 21.26
CA PHE B 328 35.69 15.10 20.42
C PHE B 328 35.17 16.49 20.97
N PRO B 329 35.69 17.65 20.48
CA PRO B 329 37.01 17.76 19.82
C PRO B 329 38.20 17.50 20.79
N LYS B 330 38.24 18.04 22.01
CA LYS B 330 37.49 19.20 22.47
C LYS B 330 38.46 20.37 22.56
N PHE B 331 38.53 21.13 21.47
CA PHE B 331 39.06 22.48 21.50
C PHE B 331 37.88 23.32 21.97
N GLY B 332 38.05 24.05 23.06
CA GLY B 332 36.99 24.85 23.60
C GLY B 332 36.22 24.17 24.73
N PRO B 333 35.13 24.80 25.15
CA PRO B 333 34.53 24.34 26.38
C PRO B 333 34.03 22.87 26.33
N ASP B 334 34.02 22.26 27.52
CA ASP B 334 33.64 20.91 27.78
C ASP B 334 32.12 20.70 27.61
N LEU B 335 31.81 19.80 26.70
CA LEU B 335 30.41 19.52 26.38
C LEU B 335 29.59 19.06 27.56
N LEU B 336 30.07 18.03 28.29
CA LEU B 336 29.23 17.40 29.32
C LEU B 336 28.95 18.31 30.52
N ASP B 337 29.93 19.11 30.92
CA ASP B 337 29.72 20.08 31.98
C ASP B 337 28.68 21.15 31.57
N PHE B 338 28.79 21.63 30.34
CA PHE B 338 27.85 22.59 29.81
C PHE B 338 26.44 22.07 29.74
N LEU B 339 26.26 20.79 29.31
CA LEU B 339 24.96 20.14 29.31
C LEU B 339 24.42 19.97 30.70
N ASP B 340 25.28 19.60 31.66
CA ASP B 340 24.88 19.52 33.06
C ASP B 340 24.23 20.82 33.59
N ARG B 341 24.77 21.94 33.17
CA ARG B 341 24.35 23.24 33.69
C ARG B 341 23.16 23.85 32.94
N HIS B 342 22.90 23.39 31.70
CA HIS B 342 21.95 24.04 30.81
C HIS B 342 20.79 23.20 30.32
N TYR B 343 20.89 21.88 30.49
CA TYR B 343 19.90 20.91 29.98
C TYR B 343 19.54 19.98 31.12
N ASP B 344 18.49 19.21 30.94
CA ASP B 344 17.99 18.28 31.96
C ASP B 344 17.90 16.92 31.28
N ASN B 345 18.92 16.10 31.51
CA ASN B 345 19.00 14.74 30.92
C ASN B 345 18.59 13.67 31.90
N SER B 346 17.75 14.04 32.85
CA SER B 346 17.20 13.06 33.74
C SER B 346 16.38 12.08 32.87
N LEU B 347 16.13 10.89 33.41
CA LEU B 347 15.42 9.85 32.73
C LEU B 347 14.14 10.40 32.21
N GLU B 348 13.38 11.07 33.08
CA GLU B 348 12.01 11.46 32.69
C GLU B 348 11.97 12.50 31.57
N ASN B 349 12.99 13.35 31.53
CA ASN B 349 13.09 14.40 30.56
C ASN B 349 13.73 14.08 29.19
N ILE B 350 14.31 12.88 29.02
CA ILE B 350 15.05 12.55 27.82
C ILE B 350 14.06 12.47 26.68
N GLY B 351 14.32 13.24 25.64
CA GLY B 351 13.44 13.40 24.50
C GLY B 351 12.74 14.76 24.37
N ARG B 352 12.67 15.54 25.46
CA ARG B 352 12.06 16.88 25.38
C ARG B 352 13.06 17.93 24.88
N ALA B 353 12.57 19.16 24.72
CA ALA B 353 13.33 20.19 24.08
C ALA B 353 14.63 20.54 24.86
N ASN B 354 14.56 20.51 26.18
CA ASN B 354 15.71 20.89 27.05
C ASN B 354 16.51 19.65 27.57
N SER B 355 16.44 18.56 26.82
CA SER B 355 17.40 17.45 26.92
C SER B 355 18.33 17.49 25.71
N TYR B 356 19.46 16.84 25.78
CA TYR B 356 20.37 16.77 24.69
C TYR B 356 21.14 15.44 24.77
N VAL B 357 20.67 14.39 24.05
CA VAL B 357 21.36 13.06 24.04
C VAL B 357 21.58 12.52 22.64
N TRP B 358 22.51 11.58 22.59
CA TRP B 358 22.87 10.82 21.40
C TRP B 358 23.02 9.37 21.87
N TYR B 359 22.71 8.40 21.04
CA TYR B 359 22.53 7.00 21.56
C TYR B 359 23.82 6.10 21.53
N GLY B 360 24.85 6.50 20.84
CA GLY B 360 26.15 5.88 21.02
C GLY B 360 26.42 4.68 20.09
N PRO B 361 27.62 4.08 20.21
CA PRO B 361 28.14 3.18 19.19
C PRO B 361 27.49 1.81 19.14
N ARG B 362 26.94 1.36 20.24
CA ARG B 362 26.39 0.00 20.29
C ARG B 362 24.99 0.00 19.72
N TRP B 363 24.15 0.97 20.12
CA TRP B 363 22.86 1.10 19.44
C TRP B 363 23.01 1.26 17.91
N ALA B 364 24.01 2.01 17.46
CA ALA B 364 24.16 2.29 16.02
C ALA B 364 24.64 1.07 15.22
N GLN B 365 25.50 0.30 15.83
CA GLN B 365 25.94 -0.98 15.26
C GLN B 365 24.81 -1.99 15.20
N ALA B 366 23.79 -1.89 16.05
CA ALA B 366 22.64 -2.77 15.90
C ALA B 366 21.94 -2.64 14.56
N ALA B 367 21.96 -1.40 14.03
CA ALA B 367 21.20 -0.99 12.86
C ALA B 367 22.03 -1.08 11.58
N THR B 368 23.35 -0.98 11.69
CA THR B 368 24.24 -1.26 10.52
C THR B 368 24.60 -2.73 10.29
N ALA B 369 24.44 -3.58 11.29
CA ALA B 369 24.77 -4.98 11.10
C ALA B 369 24.02 -5.52 9.87
N PRO B 370 24.70 -6.38 9.11
CA PRO B 370 26.01 -7.06 9.36
C PRO B 370 27.28 -6.30 9.03
N SER B 371 27.17 -5.04 8.58
CA SER B 371 28.27 -4.27 8.16
C SER B 371 29.23 -3.83 9.30
N ARG B 372 30.48 -3.62 8.88
CA ARG B 372 31.53 -3.12 9.74
C ARG B 372 31.43 -1.61 10.07
N LEU B 373 31.31 -1.34 11.38
CA LEU B 373 31.24 0.00 11.95
C LEU B 373 29.98 0.84 11.53
N TYR B 374 30.12 2.12 11.21
CA TYR B 374 28.99 3.06 11.18
C TYR B 374 29.44 4.41 10.59
N LYS B 375 28.56 5.41 10.67
CA LYS B 375 28.79 6.78 10.16
C LYS B 375 30.18 7.32 10.41
N ALA B 376 30.66 8.02 9.39
CA ALA B 376 31.96 8.71 9.38
C ALA B 376 33.09 7.73 9.03
N PHE B 377 32.81 6.45 8.89
CA PHE B 377 33.80 5.51 8.33
C PHE B 377 33.51 5.16 6.87
N THR B 378 34.56 4.69 6.19
CA THR B 378 34.49 4.27 4.77
C THR B 378 34.21 2.77 4.64
N THR B 379 34.00 2.11 5.78
CA THR B 379 33.63 0.73 5.71
C THR B 379 32.13 0.73 5.26
N GLN B 380 31.58 -0.43 4.96
CA GLN B 380 30.17 -0.51 4.55
C GLN B 380 29.17 -0.01 5.62
N GLY B 381 29.50 -0.10 6.91
CA GLY B 381 28.69 0.53 7.92
C GLY B 381 28.38 2.00 7.76
N GLY B 382 29.36 2.76 7.31
CA GLY B 382 29.25 4.18 7.14
C GLY B 382 28.67 4.59 5.78
N ILE B 383 28.88 3.78 4.77
CA ILE B 383 28.42 4.10 3.41
C ILE B 383 27.22 3.27 2.85
N ARG B 384 27.00 2.05 3.29
CA ARG B 384 25.85 1.32 2.69
C ARG B 384 24.56 1.71 3.43
N VAL B 385 23.58 2.29 2.72
CA VAL B 385 22.36 2.88 3.33
C VAL B 385 21.06 2.29 2.76
N PRO B 386 19.95 2.36 3.52
CA PRO B 386 18.71 1.80 2.94
C PRO B 386 18.22 2.77 1.83
N ALA B 387 17.62 2.24 0.77
CA ALA B 387 17.01 3.09 -0.28
C ALA B 387 15.86 2.33 -0.87
N LEU B 388 14.86 3.04 -1.35
CA LEU B 388 13.74 2.45 -2.11
C LEU B 388 13.28 3.39 -3.22
N VAL B 389 12.76 2.80 -4.29
CA VAL B 389 12.20 3.55 -5.44
C VAL B 389 10.80 3.01 -5.75
N ARG B 390 9.82 3.88 -5.70
CA ARG B 390 8.47 3.55 -6.10
C ARG B 390 8.04 4.47 -7.25
N TYR B 391 7.86 3.83 -8.40
CA TYR B 391 7.42 4.47 -9.63
C TYR B 391 6.83 3.37 -10.54
N PRO B 392 5.50 3.31 -10.62
CA PRO B 392 4.92 2.17 -11.31
C PRO B 392 5.10 2.09 -12.82
N ARG B 393 5.73 3.06 -13.48
CA ARG B 393 6.08 2.94 -14.93
C ARG B 393 7.31 2.06 -15.13
N LEU B 394 8.17 1.98 -14.12
CA LEU B 394 9.31 1.08 -14.20
C LEU B 394 8.82 -0.30 -14.07
N SER B 395 9.49 -1.19 -14.78
CA SER B 395 9.18 -2.60 -14.73
C SER B 395 9.79 -3.25 -13.49
N ARG B 396 10.87 -2.72 -12.93
CA ARG B 396 11.54 -3.39 -11.81
C ARG B 396 10.94 -2.91 -10.48
N GLN B 397 9.81 -3.50 -10.08
CA GLN B 397 9.02 -3.12 -8.89
C GLN B 397 8.50 -4.35 -8.17
N GLY B 398 8.33 -4.24 -6.85
CA GLY B 398 7.88 -5.34 -6.03
C GLY B 398 8.96 -6.27 -5.53
N ALA B 399 10.23 -5.91 -5.72
CA ALA B 399 11.36 -6.80 -5.52
C ALA B 399 12.45 -6.16 -4.67
N ILE B 400 13.44 -6.98 -4.33
CA ILE B 400 14.63 -6.55 -3.57
C ILE B 400 15.83 -6.75 -4.50
N SER B 401 16.53 -5.66 -4.86
CA SER B 401 17.75 -5.73 -5.68
C SER B 401 19.06 -5.47 -4.92
N HIS B 402 19.96 -6.41 -5.12
CA HIS B 402 21.33 -6.34 -4.65
C HIS B 402 22.32 -5.71 -5.69
N ALA B 403 21.79 -5.03 -6.71
CA ALA B 403 22.62 -4.32 -7.70
C ALA B 403 23.30 -3.07 -7.12
N PHE B 404 24.61 -2.99 -7.31
CA PHE B 404 25.39 -1.83 -6.90
C PHE B 404 24.86 -0.54 -7.48
N ALA B 405 24.81 0.49 -6.66
CA ALA B 405 24.29 1.79 -7.04
C ALA B 405 24.86 2.82 -6.07
N THR B 406 25.01 4.07 -6.52
CA THR B 406 25.35 5.17 -5.61
C THR B 406 24.41 6.32 -5.73
N VAL B 407 24.48 7.18 -4.72
CA VAL B 407 23.88 8.49 -4.73
C VAL B 407 24.24 9.43 -5.94
N MET B 408 25.41 9.27 -6.52
CA MET B 408 25.74 9.97 -7.78
C MET B 408 24.89 9.59 -9.02
N ASP B 409 24.20 8.44 -8.96
CA ASP B 409 23.34 7.94 -10.03
C ASP B 409 22.00 8.65 -10.13
N VAL B 410 21.61 9.38 -9.08
CA VAL B 410 20.27 9.92 -8.98
C VAL B 410 20.03 11.11 -9.93
N THR B 411 20.89 12.12 -9.87
CA THR B 411 20.78 13.28 -10.78
C THR B 411 20.63 12.84 -12.30
N PRO B 412 21.45 11.92 -12.79
CA PRO B 412 21.36 11.46 -14.14
C PRO B 412 20.06 10.75 -14.47
N THR B 413 19.65 9.90 -13.54
CA THR B 413 18.37 9.24 -13.62
C THR B 413 17.19 10.21 -13.75
N LEU B 414 17.17 11.25 -12.91
CA LEU B 414 16.02 12.16 -12.88
C LEU B 414 16.00 13.10 -14.07
N LEU B 415 17.19 13.56 -14.52
CA LEU B 415 17.28 14.34 -15.79
C LEU B 415 16.72 13.53 -16.98
N ASP B 416 17.16 12.28 -17.04
CA ASP B 416 16.69 11.30 -17.99
C ASP B 416 15.19 11.24 -17.96
N LEU B 417 14.61 10.94 -16.80
CA LEU B 417 13.18 10.76 -16.70
C LEU B 417 12.43 12.03 -17.09
N ALA B 418 13.02 13.21 -16.80
CA ALA B 418 12.42 14.51 -17.08
C ALA B 418 12.52 14.98 -18.56
N GLY B 419 13.20 14.20 -19.41
CA GLY B 419 13.55 14.62 -20.78
C GLY B 419 14.54 15.78 -20.88
N VAL B 420 15.50 15.86 -19.95
CA VAL B 420 16.48 16.97 -19.89
C VAL B 420 17.93 16.47 -20.05
N ARG B 421 18.69 17.17 -20.89
CA ARG B 421 20.09 16.86 -21.11
C ARG B 421 20.93 17.64 -20.12
N HIS B 422 21.92 16.96 -19.53
CA HIS B 422 22.93 17.65 -18.74
C HIS B 422 23.67 18.65 -19.67
N PRO B 423 23.90 19.89 -19.21
CA PRO B 423 24.46 20.90 -20.10
C PRO B 423 25.91 20.71 -20.51
N GLY B 424 26.55 19.62 -20.10
CA GLY B 424 27.95 19.35 -20.42
C GLY B 424 28.91 20.16 -19.56
N LYS B 425 29.91 20.78 -20.18
CA LYS B 425 31.02 21.41 -19.47
C LYS B 425 30.94 22.92 -19.33
N ARG B 426 29.87 23.54 -19.79
CA ARG B 426 29.70 24.98 -19.56
C ARG B 426 28.25 25.27 -19.23
N TRP B 427 27.99 26.26 -18.40
CA TRP B 427 26.64 26.57 -17.99
C TRP B 427 26.61 27.94 -17.30
N ARG B 428 25.70 28.82 -17.74
CA ARG B 428 25.67 30.22 -17.29
C ARG B 428 27.04 30.89 -17.38
N GLY B 429 27.78 30.55 -18.43
CA GLY B 429 29.09 31.13 -18.68
C GLY B 429 30.15 30.78 -17.63
N ARG B 430 30.08 29.55 -17.11
CA ARG B 430 31.12 29.00 -16.27
C ARG B 430 31.36 27.55 -16.64
N GLU B 431 32.62 27.17 -16.55
CA GLU B 431 33.07 25.82 -16.77
C GLU B 431 32.55 24.92 -15.62
N ILE B 432 32.09 23.71 -15.93
CA ILE B 432 31.44 22.88 -14.88
C ILE B 432 31.72 21.41 -14.98
N ALA B 433 31.44 20.72 -13.86
CA ALA B 433 31.70 19.30 -13.73
C ALA B 433 30.58 18.52 -14.39
N GLU B 434 30.90 17.35 -14.91
CA GLU B 434 29.95 16.45 -15.52
C GLU B 434 29.78 15.21 -14.63
N PRO B 435 28.52 14.71 -14.53
CA PRO B 435 28.17 13.59 -13.64
C PRO B 435 29.14 12.42 -13.67
N ARG B 436 29.47 11.85 -12.50
CA ARG B 436 30.27 10.61 -12.40
C ARG B 436 29.42 9.38 -12.28
N GLY B 437 28.15 9.53 -11.93
CA GLY B 437 27.24 8.39 -11.87
C GLY B 437 26.67 8.02 -13.23
N ARG B 438 25.84 6.99 -13.27
CA ARG B 438 25.16 6.49 -14.49
C ARG B 438 23.63 6.47 -14.32
N SER B 439 22.87 6.79 -15.37
CA SER B 439 21.42 6.69 -15.25
C SER B 439 20.95 5.31 -14.86
N TRP B 440 19.98 5.26 -13.93
CA TRP B 440 19.29 3.97 -13.58
C TRP B 440 18.22 3.47 -14.58
N LEU B 441 17.94 4.20 -15.65
CA LEU B 441 16.72 3.95 -16.41
C LEU B 441 16.76 2.62 -17.19
N GLY B 442 17.93 2.27 -17.74
CA GLY B 442 18.05 1.00 -18.45
C GLY B 442 17.78 -0.13 -17.46
N TRP B 443 18.32 0.01 -16.27
CA TRP B 443 18.22 -1.03 -15.26
C TRP B 443 16.80 -1.11 -14.75
N LEU B 444 16.23 0.01 -14.34
CA LEU B 444 14.92 -0.04 -13.72
C LEU B 444 13.83 -0.34 -14.74
N SER B 445 14.09 0.05 -15.99
CA SER B 445 13.11 -0.31 -17.02
C SER B 445 13.21 -1.79 -17.41
N GLY B 446 14.05 -2.57 -16.74
CA GLY B 446 14.18 -3.99 -17.05
C GLY B 446 15.12 -4.43 -18.18
N GLU B 447 15.68 -3.50 -18.95
CA GLU B 447 16.59 -3.84 -20.06
C GLU B 447 17.95 -4.39 -19.64
N THR B 448 18.46 -3.92 -18.49
CA THR B 448 19.71 -4.48 -17.94
C THR B 448 19.51 -4.92 -16.49
N GLU B 449 20.42 -5.76 -16.01
CA GLU B 449 20.38 -6.30 -14.65
C GLU B 449 20.97 -5.35 -13.61
N ALA B 450 21.66 -4.29 -14.05
CA ALA B 450 22.19 -3.27 -13.12
C ALA B 450 22.71 -2.09 -13.92
N ALA B 451 22.97 -0.96 -13.24
CA ALA B 451 23.45 0.26 -13.90
C ALA B 451 24.98 0.36 -14.03
N HIS B 452 25.65 -0.67 -13.55
CA HIS B 452 27.12 -0.79 -13.47
C HIS B 452 27.52 -2.22 -13.63
N ASP B 453 28.81 -2.45 -13.72
CA ASP B 453 29.32 -3.79 -13.90
C ASP B 453 30.59 -4.05 -13.10
N GLU B 454 31.16 -5.23 -13.35
CA GLU B 454 32.32 -5.75 -12.65
C GLU B 454 33.56 -4.89 -12.82
N ASN B 455 33.49 -3.85 -13.66
CA ASN B 455 34.62 -2.95 -13.95
C ASN B 455 34.44 -1.54 -13.44
N THR B 456 33.23 -1.20 -13.02
CA THR B 456 32.93 0.10 -12.41
C THR B 456 33.85 0.38 -11.20
N VAL B 457 34.47 1.56 -11.21
CA VAL B 457 35.37 2.01 -10.15
C VAL B 457 34.78 3.17 -9.36
N THR B 458 34.73 3.01 -8.05
CA THR B 458 34.21 4.09 -7.20
C THR B 458 35.15 4.31 -6.02
N GLY B 459 35.42 5.58 -5.71
CA GLY B 459 36.14 6.00 -4.50
C GLY B 459 35.40 6.84 -3.43
N TRP B 460 35.95 6.73 -2.22
CA TRP B 460 35.57 7.52 -1.10
C TRP B 460 36.82 7.94 -0.34
N GLY B 461 36.78 9.16 0.14
CA GLY B 461 37.80 9.67 1.03
C GLY B 461 37.29 10.77 1.90
N LEU B 462 37.44 10.59 3.21
CA LEU B 462 36.91 11.57 4.16
C LEU B 462 37.46 11.34 5.57
N PHE B 463 37.79 12.44 6.25
CA PHE B 463 38.37 12.36 7.63
C PHE B 463 39.63 11.47 7.69
N GLY B 464 40.38 11.39 6.60
CA GLY B 464 41.58 10.53 6.52
C GLY B 464 41.37 9.04 6.28
N MET B 465 40.14 8.62 6.02
CA MET B 465 39.87 7.23 5.69
C MET B 465 39.62 7.13 4.17
N ARG B 466 39.90 5.95 3.60
CA ARG B 466 39.82 5.70 2.17
C ARG B 466 39.04 4.44 1.88
N ALA B 467 38.37 4.42 0.72
CA ALA B 467 37.87 3.19 0.15
C ALA B 467 37.97 3.29 -1.36
N ILE B 468 38.21 2.15 -2.00
CA ILE B 468 38.20 2.07 -3.46
C ILE B 468 37.53 0.75 -3.86
N ARG B 469 36.53 0.82 -4.75
CA ARG B 469 35.79 -0.39 -5.16
C ARG B 469 35.75 -0.61 -6.69
N GLN B 470 35.96 -1.84 -7.15
CA GLN B 470 35.83 -2.18 -8.53
C GLN B 470 35.05 -3.49 -8.61
N GLY B 471 33.90 -3.47 -9.27
CA GLY B 471 33.00 -4.65 -9.20
C GLY B 471 32.59 -4.90 -7.72
N ASP B 472 32.87 -6.09 -7.22
CA ASP B 472 32.68 -6.43 -5.82
C ASP B 472 33.95 -6.48 -4.98
N TRP B 473 35.06 -5.92 -5.49
CA TRP B 473 36.37 -5.93 -4.77
C TRP B 473 36.52 -4.57 -4.15
N LYS B 474 36.78 -4.52 -2.83
CA LYS B 474 36.94 -3.26 -2.12
C LYS B 474 38.14 -3.26 -1.22
N ALA B 475 38.93 -2.19 -1.33
CA ALA B 475 40.01 -1.92 -0.40
C ALA B 475 39.61 -0.75 0.49
N VAL B 476 40.05 -0.83 1.73
CA VAL B 476 39.72 0.11 2.73
C VAL B 476 41.00 0.55 3.46
N TYR B 477 41.06 1.80 3.90
CA TYR B 477 42.18 2.36 4.67
C TYR B 477 41.69 3.15 5.89
N LEU B 478 41.84 2.59 7.08
CA LEU B 478 41.43 3.30 8.27
C LEU B 478 42.67 3.65 9.10
N PRO B 479 42.89 4.93 9.38
CA PRO B 479 44.08 5.25 10.14
C PRO B 479 43.97 4.96 11.64
N ALA B 480 45.11 5.07 12.32
CA ALA B 480 45.16 5.02 13.76
C ALA B 480 44.37 6.18 14.30
N PRO B 481 43.70 6.00 15.44
CA PRO B 481 43.55 4.84 16.31
C PRO B 481 42.45 3.86 15.93
N VAL B 482 41.73 4.13 14.84
CA VAL B 482 40.55 3.33 14.51
C VAL B 482 40.79 2.23 13.52
N GLY B 483 41.98 2.14 12.97
CA GLY B 483 42.28 0.99 12.13
C GLY B 483 43.78 0.78 12.11
N PRO B 484 44.26 -0.16 11.30
CA PRO B 484 45.66 -0.54 11.28
C PRO B 484 46.50 0.40 10.43
N ALA B 485 45.93 1.49 9.94
CA ALA B 485 46.68 2.45 9.13
C ALA B 485 47.35 1.75 7.97
N THR B 486 46.66 0.81 7.35
CA THR B 486 47.14 0.17 6.12
C THR B 486 45.94 -0.26 5.23
N TRP B 487 46.21 -0.56 3.96
CA TRP B 487 45.15 -1.00 3.03
C TRP B 487 44.68 -2.42 3.35
N GLN B 488 43.37 -2.61 3.46
CA GLN B 488 42.84 -3.97 3.72
C GLN B 488 42.04 -4.31 2.49
N LEU B 489 41.92 -5.58 2.14
CA LEU B 489 41.22 -5.94 0.94
C LEU B 489 40.09 -6.92 1.22
N TYR B 490 38.90 -6.60 0.68
CA TYR B 490 37.72 -7.44 0.87
C TYR B 490 37.00 -7.90 -0.42
N ASP B 491 36.63 -9.16 -0.48
CA ASP B 491 35.71 -9.66 -1.49
C ASP B 491 34.26 -9.54 -0.98
N LEU B 492 33.55 -8.45 -1.35
CA LEU B 492 32.17 -8.15 -0.82
C LEU B 492 31.10 -9.13 -1.32
N ALA B 493 31.39 -9.88 -2.37
CA ALA B 493 30.52 -10.96 -2.77
C ALA B 493 30.57 -12.12 -1.79
N ARG B 494 31.71 -12.34 -1.13
CA ARG B 494 31.81 -13.41 -0.15
C ARG B 494 31.81 -12.92 1.31
N ASP B 495 32.18 -11.65 1.53
CA ASP B 495 32.48 -11.08 2.87
C ASP B 495 31.85 -9.68 2.97
N PRO B 496 30.49 -9.60 3.05
CA PRO B 496 29.91 -8.29 3.22
C PRO B 496 30.32 -7.59 4.53
N GLY B 497 30.78 -8.35 5.52
CA GLY B 497 31.13 -7.82 6.85
C GLY B 497 32.51 -7.18 6.94
N GLU B 498 33.27 -7.29 5.82
CA GLU B 498 34.64 -6.81 5.71
C GLU B 498 35.48 -7.32 6.87
N ILE B 499 35.41 -8.66 7.04
CA ILE B 499 36.06 -9.37 8.12
C ILE B 499 37.42 -9.93 7.67
N HIS B 500 37.45 -10.59 6.52
CA HIS B 500 38.64 -11.36 6.09
C HIS B 500 39.54 -10.59 5.13
N ASP B 501 40.62 -10.00 5.67
CA ASP B 501 41.56 -9.18 4.90
C ASP B 501 42.30 -10.09 3.94
N LEU B 502 42.22 -9.79 2.65
CA LEU B 502 42.87 -10.61 1.61
C LEU B 502 44.15 -10.02 1.03
N ALA B 503 44.63 -8.91 1.61
CA ALA B 503 45.80 -8.20 1.08
C ALA B 503 47.01 -9.13 0.83
N ASP B 504 47.19 -10.15 1.65
CA ASP B 504 48.34 -11.06 1.51
C ASP B 504 48.09 -12.21 0.55
N SER B 505 46.87 -12.71 0.49
CA SER B 505 46.53 -13.77 -0.44
C SER B 505 46.29 -13.25 -1.86
N GLN B 506 46.03 -11.95 -2.03
CA GLN B 506 45.66 -11.40 -3.33
C GLN B 506 46.32 -10.06 -3.59
N PRO B 507 47.67 -10.01 -3.55
CA PRO B 507 48.38 -8.73 -3.64
C PRO B 507 48.30 -8.03 -5.01
N GLY B 508 48.01 -8.80 -6.06
CA GLY B 508 47.81 -8.21 -7.40
C GLY B 508 46.52 -7.41 -7.52
N LYS B 509 45.42 -8.01 -7.10
CA LYS B 509 44.16 -7.29 -6.94
C LYS B 509 44.28 -5.99 -6.11
N LEU B 510 44.91 -6.05 -4.95
CA LEU B 510 45.13 -4.81 -4.15
C LEU B 510 45.95 -3.73 -4.87
N ALA B 511 46.98 -4.13 -5.59
CA ALA B 511 47.85 -3.16 -6.22
C ALA B 511 47.13 -2.48 -7.37
N GLU B 512 46.31 -3.28 -8.01
CA GLU B 512 45.39 -2.77 -8.99
C GLU B 512 44.45 -1.76 -8.38
N LEU B 513 43.87 -2.07 -7.21
CA LEU B 513 42.96 -1.13 -6.59
C LEU B 513 43.69 0.11 -6.14
N ILE B 514 44.94 -0.07 -5.70
CA ILE B 514 45.70 1.10 -5.27
C ILE B 514 45.95 2.07 -6.43
N GLU B 515 46.23 1.54 -7.64
CA GLU B 515 46.23 2.40 -8.82
C GLU B 515 44.94 3.15 -9.03
N HIS B 516 43.82 2.45 -8.84
CA HIS B 516 42.54 3.09 -9.05
C HIS B 516 42.31 4.19 -8.06
N TRP B 517 42.79 3.98 -6.84
CA TRP B 517 42.73 5.02 -5.81
C TRP B 517 43.49 6.23 -6.23
N LYS B 518 44.69 6.08 -6.79
CA LYS B 518 45.46 7.30 -7.17
C LYS B 518 44.73 8.11 -8.26
N ARG B 519 44.12 7.37 -9.18
CA ARG B 519 43.34 7.96 -10.21
C ARG B 519 42.22 8.74 -9.63
N TYR B 520 41.52 8.17 -8.66
CA TYR B 520 40.42 8.90 -8.00
C TYR B 520 40.93 10.14 -7.34
N VAL B 521 41.99 10.03 -6.54
CA VAL B 521 42.54 11.24 -5.90
C VAL B 521 42.76 12.34 -6.96
N SER B 522 43.37 11.98 -8.09
CA SER B 522 43.71 12.96 -9.10
C SER B 522 42.48 13.40 -9.88
N ASP B 523 41.58 12.49 -10.29
CA ASP B 523 40.28 12.94 -10.88
C ASP B 523 39.46 13.84 -9.99
N THR B 524 39.45 13.65 -8.66
CA THR B 524 38.47 14.40 -7.83
C THR B 524 39.05 15.54 -7.01
N GLY B 525 40.37 15.62 -6.95
CA GLY B 525 41.03 16.63 -6.15
C GLY B 525 41.05 16.32 -4.67
N VAL B 526 41.25 15.05 -4.30
CA VAL B 526 41.35 14.70 -2.86
C VAL B 526 42.67 15.18 -2.23
N VAL B 527 42.59 15.93 -1.13
CA VAL B 527 43.79 16.33 -0.40
C VAL B 527 44.28 15.27 0.62
CA CA C . -24.17 -13.45 -3.44
CAB 62Y D . -30.12 -20.83 -3.60
CAC 62Y D . -29.83 -19.43 -3.59
CAD 62Y D . -28.67 -18.95 -3.05
CAE 62Y D . -27.78 -19.92 -2.46
CAF 62Y D . -28.04 -21.29 -2.48
CAG 62Y D . -29.21 -21.75 -3.06
OAH 62Y D . -27.31 -16.92 -4.22
OAI 62Y D . -27.36 -17.00 -1.93
OAK 62Y D . -29.41 -16.43 -3.33
CAL 62Y D . -30.51 -16.16 -2.63
CAM 62Y D . -31.50 -15.32 -3.26
CAN 62Y D . -32.69 -15.04 -2.60
CAO 62Y D . -32.90 -15.55 -1.33
CAP 62Y D . -31.88 -16.33 -0.75
CAQ 62Y D . -30.66 -16.69 -1.36
P 62Y D . -28.17 -17.33 -3.18
BR 62Y D . -32.19 -16.90 1.10
CA CA E . 23.52 12.49 8.20
CAB 62Y F . 28.62 19.24 11.33
CAC 62Y F . 28.46 17.92 10.91
CAD 62Y F . 27.48 17.15 11.42
CAE 62Y F . 26.63 17.69 12.39
CAF 62Y F . 26.73 19.02 12.82
CAG 62Y F . 27.74 19.81 12.28
OAH 62Y F . 26.71 15.50 9.48
OAI 62Y F . 25.95 15.25 11.64
OAK 62Y F . 28.33 14.60 11.08
CAL 62Y F . 29.43 14.41 11.73
CAM 62Y F . 30.62 14.43 10.98
CAN 62Y F . 31.82 14.08 11.59
CAO 62Y F . 31.85 13.71 12.93
CAP 62Y F . 30.66 13.72 13.63
CAQ 62Y F . 29.40 14.07 13.08
P 62Y F . 27.15 15.70 10.80
BR 62Y F . 30.78 13.26 15.53
#